data_6D3I
#
_entry.id   6D3I
#
_cell.length_a   94.927
_cell.length_b   109.980
_cell.length_c   116.145
_cell.angle_alpha   90.00
_cell.angle_beta   90.00
_cell.angle_gamma   90.00
#
_symmetry.space_group_name_H-M   'P 21 21 21'
#
loop_
_entity.id
_entity.type
_entity.pdbx_description
1 polymer 'ftv7 dioxygenase'
2 non-polymer 'COBALT (II) ION'
3 non-polymer '2-OXOGLUTARIC ACID'
4 non-polymer '(2,4-DICHLOROPHENOXY)ACETIC ACID'
5 water water
#
_entity_poly.entity_id   1
_entity_poly.type   'polypeptide(L)'
_entity_poly.pdbx_seq_one_letter_code
;MHAALTPLTNKYRFIDVQPLTGVLGAEITGVDLREPLDDSTWNEILDAFHTYQVIYFPGQAITNEQHIAFSRRFGPVDPV
PILKSIEGYPEVQMIRREANESSRYIGDDWHADSTFLDAPPAAVVMRAIEVPEYGGDTGFLSMYSAWETLSPTMQATIEG
LNVVHSATKVFGSLYQATNWRFSNTSVKVMDVDAGDRETVHPLVVTHPVTGRRALYCNQVYCQKIQGMTDAESKSLLQFL
YEHATQFDFTCRVRWKKDQVLVWDNLCTMHRAVPDYAGKFRYLTRTTVAGDKPSR
;
_entity_poly.pdbx_strand_id   A,G,D,J
#
# COMPACT_ATOMS: atom_id res chain seq x y z
N ASN A 10 14.29 4.42 10.92
CA ASN A 10 15.59 3.83 11.17
C ASN A 10 16.36 4.68 12.23
N LYS A 11 16.77 5.88 11.78
CA LYS A 11 17.50 6.90 12.55
C LYS A 11 17.61 8.16 11.69
N TYR A 12 16.59 8.41 10.86
CA TYR A 12 16.64 9.47 9.84
C TYR A 12 15.59 10.54 10.05
N ARG A 13 16.01 11.79 9.93
CA ARG A 13 15.17 12.96 10.04
C ARG A 13 14.30 13.08 8.80
N PHE A 14 14.87 13.71 7.79
CA PHE A 14 14.11 14.36 6.74
C PHE A 14 13.74 13.42 5.61
N ILE A 15 14.15 12.15 5.69
CA ILE A 15 13.90 11.20 4.62
C ILE A 15 13.50 9.86 5.21
N ASP A 16 12.65 9.14 4.47
CA ASP A 16 12.18 7.81 4.85
C ASP A 16 12.90 6.79 3.98
N VAL A 17 13.75 5.99 4.60
CA VAL A 17 14.75 5.18 3.90
C VAL A 17 14.54 3.72 4.25
N GLN A 18 14.28 2.90 3.22
CA GLN A 18 13.89 1.51 3.40
C GLN A 18 14.82 0.57 2.63
N PRO A 19 15.64 -0.26 3.28
CA PRO A 19 16.57 -1.11 2.51
C PRO A 19 15.81 -2.16 1.71
N LEU A 20 16.51 -2.72 0.71
CA LEU A 20 16.00 -3.76 -0.19
C LEU A 20 16.51 -5.15 0.20
N THR A 21 17.78 -5.23 0.60
CA THR A 21 18.44 -6.43 1.08
C THR A 21 19.27 -6.11 2.29
N GLY A 22 19.93 -7.15 2.80
CA GLY A 22 20.87 -7.10 3.91
C GLY A 22 22.28 -6.84 3.47
N VAL A 23 22.45 -6.45 2.23
CA VAL A 23 23.79 -6.34 1.68
C VAL A 23 23.94 -4.96 1.10
N LEU A 24 23.07 -4.63 0.16
CA LEU A 24 23.11 -3.33 -0.48
C LEU A 24 21.70 -3.00 -0.95
N GLY A 25 21.46 -1.71 -1.14
CA GLY A 25 20.20 -1.19 -1.66
C GLY A 25 19.34 -0.53 -0.58
N ALA A 26 18.65 0.54 -0.97
CA ALA A 26 17.67 1.16 -0.10
C ALA A 26 16.73 2.06 -0.90
N GLU A 27 15.44 2.06 -0.51
CA GLU A 27 14.43 3.00 -1.01
C GLU A 27 14.42 4.28 -0.20
N ILE A 28 14.44 5.42 -0.91
CA ILE A 28 14.34 6.74 -0.31
C ILE A 28 13.00 7.36 -0.70
N THR A 29 12.29 7.93 0.29
CA THR A 29 10.99 8.56 0.09
C THR A 29 10.82 9.74 1.04
N GLY A 30 9.83 10.59 0.73
CA GLY A 30 9.63 11.80 1.52
C GLY A 30 10.50 12.96 1.06
N VAL A 31 10.52 13.20 -0.25
CA VAL A 31 11.23 14.35 -0.82
C VAL A 31 10.92 14.60 -2.30
N ASP A 32 10.67 15.87 -2.68
CA ASP A 32 10.37 16.26 -4.06
C ASP A 32 11.65 16.78 -4.71
N LEU A 33 12.15 16.04 -5.70
CA LEU A 33 13.38 16.37 -6.42
C LEU A 33 13.18 17.45 -7.48
N ARG A 34 11.94 17.94 -7.60
CA ARG A 34 11.67 19.23 -8.21
C ARG A 34 12.00 20.34 -7.24
N GLU A 35 12.02 20.01 -5.93
CA GLU A 35 12.19 20.98 -4.85
C GLU A 35 13.63 20.99 -4.37
N PRO A 36 14.43 22.02 -4.70
CA PRO A 36 15.83 21.98 -4.28
C PRO A 36 15.92 21.70 -2.79
N LEU A 37 16.58 20.61 -2.45
CA LEU A 37 16.61 20.16 -1.07
C LEU A 37 17.22 21.21 -0.16
N ASP A 38 16.61 21.37 1.02
CA ASP A 38 17.32 22.08 2.06
C ASP A 38 18.50 21.22 2.51
N ASP A 39 19.42 21.85 3.24
CA ASP A 39 20.71 21.23 3.53
C ASP A 39 20.61 20.09 4.55
N SER A 40 19.75 20.25 5.55
CA SER A 40 19.64 19.19 6.55
C SER A 40 19.15 17.91 5.89
N THR A 41 18.39 18.04 4.79
CA THR A 41 17.97 16.90 4.00
C THR A 41 19.11 16.26 3.19
N TRP A 42 19.86 17.05 2.40
CA TRP A 42 20.89 16.46 1.51
C TRP A 42 21.95 15.70 2.30
N ASN A 43 22.34 16.19 3.48
CA ASN A 43 23.30 15.43 4.28
C ASN A 43 22.77 14.05 4.67
N GLU A 44 21.49 13.95 5.05
CA GLU A 44 20.95 12.64 5.41
C GLU A 44 20.77 11.73 4.19
N ILE A 45 20.39 12.29 3.04
CA ILE A 45 20.37 11.49 1.81
C ILE A 45 21.73 10.84 1.58
N LEU A 46 22.79 11.65 1.59
CA LEU A 46 24.10 11.16 1.21
C LEU A 46 24.57 10.04 2.14
N ASP A 47 24.40 10.19 3.46
CA ASP A 47 24.84 9.14 4.37
C ASP A 47 24.38 7.76 3.91
N ALA A 48 23.15 7.67 3.43
CA ALA A 48 22.66 6.39 2.91
C ALA A 48 23.48 5.95 1.70
N PHE A 49 23.44 6.76 0.64
CA PHE A 49 24.11 6.50 -0.64
C PHE A 49 25.55 6.04 -0.49
N HIS A 50 26.13 6.22 0.67
CA HIS A 50 27.45 5.69 0.95
C HIS A 50 27.40 4.44 1.81
N THR A 51 26.27 4.15 2.44
CA THR A 51 26.03 2.90 3.19
C THR A 51 25.27 1.86 2.37
N TYR A 52 24.31 2.29 1.53
CA TYR A 52 23.47 1.38 0.77
C TYR A 52 23.84 1.38 -0.70
N GLN A 53 24.76 2.23 -1.10
CA GLN A 53 25.53 2.06 -2.32
C GLN A 53 24.71 2.33 -3.57
N VAL A 54 23.52 1.73 -3.66
CA VAL A 54 22.50 2.16 -4.60
C VAL A 54 21.29 2.60 -3.82
N ILE A 55 20.65 3.66 -4.29
CA ILE A 55 19.43 4.21 -3.70
C ILE A 55 18.55 4.72 -4.85
N TYR A 56 17.24 4.61 -4.67
CA TYR A 56 16.31 5.03 -5.68
C TYR A 56 15.15 5.78 -5.06
N PHE A 57 14.54 6.65 -5.87
CA PHE A 57 13.36 7.45 -5.53
C PHE A 57 12.25 7.12 -6.53
N PRO A 58 11.12 6.56 -6.12
CA PRO A 58 10.03 6.35 -7.07
C PRO A 58 9.24 7.61 -7.41
N GLY A 59 8.63 7.56 -8.60
CA GLY A 59 7.66 8.52 -9.11
C GLY A 59 8.03 9.95 -9.50
N GLN A 60 9.04 10.56 -8.86
CA GLN A 60 9.51 11.93 -9.11
C GLN A 60 9.41 12.32 -10.57
N ALA A 61 8.30 12.98 -10.95
CA ALA A 61 8.08 13.47 -12.32
C ALA A 61 8.78 14.83 -12.46
N ILE A 62 10.11 14.74 -12.63
CA ILE A 62 10.99 15.90 -12.63
C ILE A 62 11.23 16.21 -14.10
N THR A 63 12.17 17.11 -14.38
CA THR A 63 12.56 17.47 -15.75
C THR A 63 14.06 17.41 -15.93
N ASN A 64 14.44 17.33 -17.21
CA ASN A 64 15.83 17.34 -17.65
C ASN A 64 16.63 18.53 -17.10
N GLU A 65 15.98 19.63 -16.66
CA GLU A 65 16.64 20.75 -15.99
C GLU A 65 16.78 20.51 -14.48
N GLN A 66 15.77 19.90 -13.84
CA GLN A 66 15.93 19.36 -12.48
C GLN A 66 16.82 18.13 -12.45
N HIS A 67 16.68 17.26 -13.45
CA HIS A 67 17.49 16.05 -13.57
C HIS A 67 18.97 16.43 -13.52
N ILE A 68 19.42 17.29 -14.46
CA ILE A 68 20.82 17.72 -14.48
C ILE A 68 21.18 18.40 -13.17
N ALA A 69 20.23 19.12 -12.59
CA ALA A 69 20.45 19.77 -11.31
C ALA A 69 20.79 18.77 -10.22
N PHE A 70 20.17 17.59 -10.25
CA PHE A 70 20.30 16.66 -9.15
C PHE A 70 21.63 15.92 -9.18
N SER A 71 22.11 15.57 -10.38
CA SER A 71 23.43 14.95 -10.49
C SER A 71 24.50 15.94 -10.08
N ARG A 72 24.29 17.20 -10.46
CA ARG A 72 25.23 18.29 -10.20
C ARG A 72 25.55 18.44 -8.72
N ARG A 73 24.73 17.89 -7.85
CA ARG A 73 24.92 18.03 -6.41
C ARG A 73 25.95 17.06 -5.87
N PHE A 74 26.01 15.86 -6.41
CA PHE A 74 27.08 14.97 -6.00
C PHE A 74 28.40 15.41 -6.63
N GLY A 75 28.34 15.80 -7.92
CA GLY A 75 29.49 16.12 -8.71
C GLY A 75 29.09 16.48 -10.14
N PRO A 76 30.06 16.99 -10.89
CA PRO A 76 29.81 17.52 -12.24
C PRO A 76 29.23 16.51 -13.22
N VAL A 77 28.46 17.04 -14.17
CA VAL A 77 27.88 16.23 -15.25
C VAL A 77 28.97 15.93 -16.28
N ASP A 78 29.30 14.64 -16.42
CA ASP A 78 30.37 14.18 -17.31
C ASP A 78 29.88 13.04 -18.19
N PRO A 79 29.31 13.32 -19.37
CA PRO A 79 28.80 12.22 -20.21
C PRO A 79 29.84 11.15 -20.48
N VAL A 80 29.35 9.92 -20.62
CA VAL A 80 30.17 8.75 -20.93
C VAL A 80 30.32 8.68 -22.45
N PRO A 81 31.45 8.20 -22.98
CA PRO A 81 31.68 8.25 -24.43
C PRO A 81 30.69 7.62 -25.40
N ILE A 82 30.36 6.34 -25.28
CA ILE A 82 29.62 5.71 -26.38
C ILE A 82 28.17 6.20 -26.48
N LEU A 83 27.59 6.75 -25.41
CA LEU A 83 26.16 7.07 -25.36
C LEU A 83 25.86 8.37 -26.10
N LYS A 84 24.57 8.57 -26.37
CA LYS A 84 24.03 9.76 -27.02
C LYS A 84 23.12 10.53 -26.07
N SER A 85 23.13 11.85 -26.18
CA SER A 85 22.18 12.70 -25.48
C SER A 85 21.10 13.17 -26.48
N ILE A 86 19.98 13.61 -25.93
CA ILE A 86 18.76 13.91 -26.68
C ILE A 86 18.74 15.24 -27.42
N GLU A 87 17.62 15.49 -28.11
CA GLU A 87 17.32 16.78 -28.73
C GLU A 87 17.30 17.87 -27.65
N GLY A 88 18.21 18.83 -27.76
CA GLY A 88 18.26 19.99 -26.90
C GLY A 88 19.16 19.84 -25.68
N TYR A 89 19.32 18.63 -25.17
CA TYR A 89 20.04 18.40 -23.93
C TYR A 89 21.21 17.47 -24.22
N PRO A 90 22.39 18.02 -24.53
CA PRO A 90 23.58 17.14 -24.65
C PRO A 90 23.98 16.53 -23.32
N GLU A 91 23.52 17.10 -22.21
CA GLU A 91 23.90 16.65 -20.88
C GLU A 91 23.12 15.43 -20.38
N VAL A 92 21.95 15.15 -20.93
CA VAL A 92 21.11 14.03 -20.51
C VAL A 92 21.26 12.93 -21.57
N GLN A 93 21.73 11.74 -21.16
CA GLN A 93 22.05 10.66 -22.12
C GLN A 93 21.14 9.45 -21.98
N MET A 94 20.91 8.83 -23.14
CA MET A 94 19.82 7.90 -23.38
C MET A 94 20.11 6.45 -22.99
N ILE A 95 19.06 5.73 -22.59
CA ILE A 95 19.07 4.28 -22.49
C ILE A 95 17.83 3.79 -23.25
N ARG A 96 17.83 3.90 -24.57
CA ARG A 96 16.62 3.71 -25.35
C ARG A 96 16.64 2.39 -26.12
N ARG A 97 15.49 1.72 -26.13
CA ARG A 97 15.36 0.48 -26.88
C ARG A 97 13.98 0.36 -27.50
N GLU A 98 13.95 0.26 -28.83
CA GLU A 98 12.70 0.10 -29.57
C GLU A 98 12.08 -1.26 -29.25
N ALA A 99 10.77 -1.35 -29.42
CA ALA A 99 9.96 -2.55 -29.12
C ALA A 99 10.17 -3.68 -30.14
N ASN A 100 11.32 -3.67 -30.80
CA ASN A 100 11.53 -4.60 -31.89
C ASN A 100 13.01 -4.88 -32.17
N GLU A 101 13.93 -4.62 -31.24
CA GLU A 101 15.35 -4.56 -31.55
C GLU A 101 15.99 -5.92 -31.29
N SER A 102 16.52 -6.52 -32.35
CA SER A 102 17.45 -7.65 -32.17
CA SER A 102 17.45 -7.65 -32.19
C SER A 102 18.79 -7.15 -31.69
N SER A 103 19.12 -5.90 -32.00
CA SER A 103 20.40 -5.32 -31.69
C SER A 103 20.77 -5.59 -30.25
N ARG A 104 22.07 -5.64 -29.96
CA ARG A 104 22.53 -6.09 -28.65
C ARG A 104 21.94 -5.27 -27.53
N TYR A 105 21.75 -5.93 -26.37
CA TYR A 105 21.34 -5.22 -25.17
C TYR A 105 22.52 -4.43 -24.63
N ILE A 106 22.18 -3.38 -23.91
CA ILE A 106 23.18 -2.48 -23.36
C ILE A 106 23.46 -2.86 -21.90
N GLY A 107 24.73 -3.23 -21.60
CA GLY A 107 25.20 -3.55 -20.26
C GLY A 107 24.85 -4.92 -19.73
N ASP A 108 24.59 -5.91 -20.62
CA ASP A 108 24.09 -7.22 -20.25
C ASP A 108 25.02 -8.05 -19.50
N ASP A 109 26.21 -7.68 -19.05
CA ASP A 109 26.98 -8.46 -18.08
C ASP A 109 27.30 -7.53 -16.92
N TRP A 110 27.79 -8.08 -15.81
CA TRP A 110 28.13 -7.24 -14.67
C TRP A 110 29.27 -6.30 -15.03
N HIS A 111 29.17 -5.07 -14.55
CA HIS A 111 30.19 -4.09 -14.86
C HIS A 111 30.05 -2.90 -13.94
N ALA A 112 31.11 -2.11 -13.92
CA ALA A 112 31.05 -0.71 -13.58
C ALA A 112 31.28 0.04 -14.89
N ASP A 113 30.70 1.24 -14.98
CA ASP A 113 30.64 1.95 -16.25
C ASP A 113 31.94 2.70 -16.55
N SER A 114 32.48 2.44 -17.74
CA SER A 114 33.67 3.13 -18.24
C SER A 114 34.78 3.21 -17.19
N THR A 115 35.33 2.03 -16.88
CA THR A 115 36.49 1.94 -16.02
C THR A 115 37.80 2.12 -16.78
N PHE A 116 37.76 2.08 -18.13
CA PHE A 116 38.91 2.39 -18.99
C PHE A 116 39.30 3.86 -18.94
N LEU A 117 38.43 4.73 -18.46
CA LEU A 117 38.83 6.08 -18.14
C LEU A 117 39.84 6.06 -16.99
N ASP A 118 40.80 7.01 -17.05
CA ASP A 118 41.90 7.08 -16.08
C ASP A 118 41.39 7.42 -14.71
N ALA A 119 40.33 8.21 -14.66
CA ALA A 119 39.56 8.50 -13.46
C ALA A 119 38.17 8.12 -13.90
N PRO A 120 37.67 6.95 -13.49
CA PRO A 120 36.35 6.53 -13.93
C PRO A 120 35.30 7.06 -12.99
N PRO A 121 34.03 7.15 -13.42
CA PRO A 121 32.99 7.79 -12.62
C PRO A 121 32.87 7.29 -11.18
N ALA A 122 32.39 8.18 -10.30
CA ALA A 122 32.13 7.85 -8.90
C ALA A 122 30.66 7.52 -8.61
N ALA A 123 29.68 8.11 -9.33
CA ALA A 123 28.27 7.65 -9.28
C ALA A 123 27.58 7.95 -10.62
N VAL A 124 26.31 7.52 -10.75
CA VAL A 124 25.46 7.86 -11.92
C VAL A 124 23.98 7.81 -11.51
N VAL A 125 23.17 8.70 -12.08
CA VAL A 125 21.74 8.83 -11.77
C VAL A 125 20.90 8.55 -13.02
N MET A 126 19.94 7.64 -12.88
CA MET A 126 19.07 7.24 -13.97
C MET A 126 17.63 7.57 -13.63
N ARG A 127 16.82 7.80 -14.66
CA ARG A 127 15.43 8.20 -14.49
C ARG A 127 14.53 7.43 -15.44
N ALA A 128 13.52 6.76 -14.89
CA ALA A 128 12.65 5.98 -15.74
C ALA A 128 11.73 6.92 -16.52
N ILE A 129 11.95 6.99 -17.83
CA ILE A 129 11.06 7.73 -18.73
C ILE A 129 9.85 6.85 -19.04
N GLU A 130 10.10 5.79 -19.79
CA GLU A 130 9.10 4.81 -20.18
C GLU A 130 9.71 3.45 -19.91
N VAL A 131 9.21 2.75 -18.90
CA VAL A 131 9.70 1.41 -18.57
C VAL A 131 8.51 0.48 -18.68
N PRO A 132 8.67 -0.79 -19.01
CA PRO A 132 7.53 -1.70 -18.98
C PRO A 132 7.12 -2.03 -17.55
N GLU A 133 5.83 -2.39 -17.42
CA GLU A 133 5.31 -2.77 -16.11
C GLU A 133 6.16 -3.85 -15.48
N TYR A 134 6.33 -4.96 -16.20
CA TYR A 134 7.22 -6.04 -15.82
C TYR A 134 8.16 -6.26 -16.99
N GLY A 135 9.41 -6.56 -16.67
CA GLY A 135 10.51 -6.63 -17.60
C GLY A 135 11.49 -5.50 -17.38
N GLY A 136 12.72 -5.72 -17.85
CA GLY A 136 13.80 -4.76 -17.67
C GLY A 136 14.16 -4.34 -16.26
N ASP A 137 14.37 -5.25 -15.32
CA ASP A 137 14.88 -4.86 -14.01
C ASP A 137 16.37 -4.51 -14.17
N THR A 138 17.01 -4.03 -13.10
CA THR A 138 18.45 -3.76 -13.14
C THR A 138 19.06 -4.30 -11.85
N GLY A 139 20.16 -5.07 -11.98
CA GLY A 139 20.78 -5.75 -10.86
C GLY A 139 22.01 -5.04 -10.34
N PHE A 140 22.34 -5.31 -9.07
CA PHE A 140 23.42 -4.59 -8.42
C PHE A 140 24.03 -5.55 -7.41
N LEU A 141 25.34 -5.44 -7.21
CA LEU A 141 26.00 -6.18 -6.14
C LEU A 141 27.13 -5.32 -5.57
N SER A 142 27.45 -5.55 -4.31
CA SER A 142 28.39 -4.71 -3.58
C SER A 142 29.73 -5.44 -3.57
N MET A 143 30.72 -4.84 -4.24
CA MET A 143 32.09 -5.35 -4.29
C MET A 143 32.85 -5.12 -3.00
N TYR A 144 32.28 -4.39 -2.03
CA TYR A 144 32.83 -4.44 -0.67
C TYR A 144 32.70 -5.85 -0.14
N SER A 145 31.50 -6.40 -0.28
CA SER A 145 31.18 -7.72 0.24
C SER A 145 31.79 -8.77 -0.65
N ALA A 146 31.99 -8.45 -1.93
CA ALA A 146 32.83 -9.29 -2.76
C ALA A 146 34.17 -9.53 -2.07
N TRP A 147 34.89 -8.45 -1.79
CA TRP A 147 36.22 -8.52 -1.18
C TRP A 147 36.16 -8.95 0.29
N GLU A 148 35.12 -8.57 1.02
CA GLU A 148 35.13 -8.85 2.45
C GLU A 148 35.05 -10.35 2.72
N THR A 149 34.43 -11.10 1.80
CA THR A 149 34.18 -12.53 1.96
C THR A 149 35.36 -13.40 1.57
N LEU A 150 36.47 -12.78 1.12
CA LEU A 150 37.73 -13.47 0.84
C LEU A 150 38.51 -13.68 2.13
N SER A 151 39.30 -14.75 2.15
CA SER A 151 40.13 -14.99 3.31
C SER A 151 41.12 -13.86 3.47
N PRO A 152 41.45 -13.47 4.70
CA PRO A 152 42.56 -12.51 4.85
C PRO A 152 43.76 -12.90 4.01
N THR A 153 44.14 -14.20 4.06
CA THR A 153 45.27 -14.72 3.32
C THR A 153 45.22 -14.34 1.85
N MET A 154 44.06 -14.49 1.24
CA MET A 154 43.89 -14.19 -0.18
C MET A 154 43.97 -12.69 -0.45
N GLN A 155 43.24 -11.90 0.35
CA GLN A 155 43.35 -10.44 0.29
C GLN A 155 44.81 -10.08 0.40
N ALA A 156 45.49 -10.77 1.30
CA ALA A 156 46.88 -10.46 1.55
C ALA A 156 47.67 -10.70 0.29
N THR A 157 47.26 -11.72 -0.47
CA THR A 157 47.97 -12.15 -1.67
C THR A 157 47.73 -11.20 -2.84
N ILE A 158 46.48 -10.76 -3.06
CA ILE A 158 46.16 -9.94 -4.25
C ILE A 158 46.09 -8.43 -4.02
N GLU A 159 46.10 -7.95 -2.76
CA GLU A 159 45.91 -6.52 -2.52
C GLU A 159 46.84 -5.66 -3.38
N GLY A 160 48.02 -6.18 -3.75
CA GLY A 160 48.97 -5.34 -4.44
C GLY A 160 48.84 -5.28 -5.97
N LEU A 161 47.97 -6.09 -6.59
CA LEU A 161 47.96 -6.19 -8.05
C LEU A 161 47.16 -5.07 -8.70
N ASN A 162 47.53 -4.77 -9.92
CA ASN A 162 46.83 -3.78 -10.71
C ASN A 162 46.30 -4.48 -11.94
N VAL A 163 45.32 -3.86 -12.57
CA VAL A 163 44.61 -4.48 -13.66
C VAL A 163 44.55 -3.49 -14.78
N VAL A 164 44.69 -3.96 -15.99
CA VAL A 164 44.74 -3.11 -17.15
C VAL A 164 43.35 -3.13 -17.78
N HIS A 165 42.62 -2.04 -17.67
CA HIS A 165 41.31 -1.95 -18.28
C HIS A 165 41.44 -1.31 -19.67
N SER A 166 40.47 -1.57 -20.52
CA SER A 166 40.48 -0.97 -21.84
C SER A 166 39.16 -1.29 -22.52
N ALA A 167 38.67 -0.37 -23.31
CA ALA A 167 37.39 -0.60 -23.93
C ALA A 167 37.47 -1.40 -25.19
N THR A 168 38.58 -2.10 -25.43
CA THR A 168 38.73 -2.78 -26.72
C THR A 168 37.65 -3.84 -26.97
N LYS A 169 36.69 -4.01 -26.06
CA LYS A 169 35.59 -4.95 -26.24
C LYS A 169 34.25 -4.27 -26.55
N VAL A 170 34.14 -2.96 -26.30
CA VAL A 170 32.92 -2.18 -26.52
C VAL A 170 33.02 -1.35 -27.79
N PHE A 171 34.23 -0.85 -28.09
CA PHE A 171 34.47 -0.15 -29.36
C PHE A 171 35.93 -0.23 -29.84
N GLY A 172 36.64 -1.31 -29.51
CA GLY A 172 37.96 -1.56 -30.08
C GLY A 172 37.94 -2.73 -31.05
N SER A 173 39.08 -3.43 -31.22
CA SER A 173 39.19 -4.44 -32.28
C SER A 173 38.24 -5.60 -32.03
N LEU A 174 38.12 -6.05 -30.77
CA LEU A 174 37.29 -7.22 -30.45
C LEU A 174 35.81 -6.91 -30.59
N TYR A 175 35.41 -5.64 -30.48
CA TYR A 175 34.05 -5.27 -30.82
C TYR A 175 33.90 -4.97 -32.31
N GLN A 176 34.96 -4.45 -32.97
CA GLN A 176 34.91 -4.13 -34.40
C GLN A 176 34.82 -5.36 -35.29
N ALA A 177 35.14 -6.55 -34.76
CA ALA A 177 35.08 -7.81 -35.49
C ALA A 177 34.26 -8.88 -34.75
N THR A 178 33.03 -8.56 -34.34
CA THR A 178 32.18 -9.55 -33.67
C THR A 178 31.01 -9.91 -34.58
N ASN A 179 29.76 -9.67 -34.17
CA ASN A 179 28.60 -10.27 -34.83
C ASN A 179 27.43 -9.31 -35.08
N TRP A 180 26.85 -8.77 -34.00
CA TRP A 180 25.52 -8.12 -33.97
C TRP A 180 25.54 -6.62 -33.71
N ARG A 181 26.70 -6.06 -33.35
CA ARG A 181 26.85 -4.68 -32.93
C ARG A 181 25.88 -4.31 -31.80
N PHE A 182 26.06 -3.10 -31.29
CA PHE A 182 25.20 -2.49 -30.28
C PHE A 182 24.00 -1.85 -30.95
N SER A 183 22.98 -1.51 -30.15
CA SER A 183 21.84 -0.82 -30.73
C SER A 183 22.30 0.61 -31.03
N ASN A 184 22.09 1.04 -32.28
CA ASN A 184 22.57 2.33 -32.71
C ASN A 184 21.66 3.46 -32.26
N THR A 185 20.73 3.14 -31.37
CA THR A 185 19.84 4.10 -30.75
C THR A 185 20.59 4.99 -29.75
N SER A 186 21.18 4.38 -28.72
CA SER A 186 21.95 5.08 -27.70
C SER A 186 23.46 5.00 -27.88
N VAL A 187 23.96 4.28 -28.87
CA VAL A 187 25.40 4.20 -29.10
C VAL A 187 25.78 5.22 -30.16
N LYS A 188 26.81 6.00 -29.85
CA LYS A 188 27.40 6.93 -30.82
C LYS A 188 28.54 6.23 -31.57
N VAL A 189 28.97 6.86 -32.67
CA VAL A 189 30.14 6.36 -33.37
C VAL A 189 31.37 6.65 -32.52
N MET A 190 31.59 5.84 -31.49
CA MET A 190 32.89 5.91 -30.86
C MET A 190 33.83 5.15 -31.79
N ASP A 191 35.14 5.33 -31.59
CA ASP A 191 36.07 4.77 -32.57
C ASP A 191 37.06 3.76 -31.99
N VAL A 192 37.92 3.29 -32.90
CA VAL A 192 38.78 2.14 -32.61
C VAL A 192 39.85 2.53 -31.58
N ASP A 193 40.48 3.70 -31.75
CA ASP A 193 41.64 4.07 -30.92
C ASP A 193 41.22 4.50 -29.53
N ALA A 194 40.05 5.14 -29.42
CA ALA A 194 39.52 5.50 -28.11
C ALA A 194 39.16 4.25 -27.32
N GLY A 195 38.69 3.21 -28.02
CA GLY A 195 38.34 1.97 -27.36
C GLY A 195 39.56 1.17 -26.93
N ASP A 196 40.47 0.89 -27.88
CA ASP A 196 41.66 0.09 -27.60
C ASP A 196 42.59 0.75 -26.58
N ARG A 197 42.28 1.97 -26.14
CA ARG A 197 43.15 2.69 -25.22
C ARG A 197 43.15 2.03 -23.83
N GLU A 198 44.34 1.69 -23.34
CA GLU A 198 44.57 1.02 -22.06
C GLU A 198 44.68 2.04 -20.92
N THR A 199 44.37 1.58 -19.72
CA THR A 199 44.54 2.40 -18.52
C THR A 199 44.47 1.49 -17.29
N VAL A 200 45.21 1.85 -16.22
CA VAL A 200 45.44 0.93 -15.10
C VAL A 200 44.97 1.52 -13.77
N HIS A 201 44.11 0.77 -13.07
CA HIS A 201 43.63 1.04 -11.72
C HIS A 201 43.90 -0.18 -10.86
N PRO A 202 44.00 -0.03 -9.56
CA PRO A 202 44.27 -1.20 -8.69
C PRO A 202 43.22 -2.30 -8.82
N LEU A 203 43.60 -3.46 -8.29
CA LEU A 203 42.65 -4.56 -8.19
C LEU A 203 41.72 -4.36 -7.02
N VAL A 204 42.21 -3.69 -5.98
CA VAL A 204 41.49 -3.47 -4.73
C VAL A 204 41.52 -1.97 -4.46
N VAL A 205 40.32 -1.36 -4.33
CA VAL A 205 40.12 0.07 -4.18
C VAL A 205 39.53 0.44 -2.81
N THR A 206 39.89 1.62 -2.31
CA THR A 206 39.28 2.22 -1.11
C THR A 206 38.42 3.40 -1.50
N HIS A 207 37.20 3.44 -0.95
CA HIS A 207 36.28 4.51 -1.28
C HIS A 207 36.82 5.84 -0.76
N PRO A 208 36.77 6.93 -1.56
CA PRO A 208 37.23 8.24 -1.06
C PRO A 208 36.52 8.67 0.22
N VAL A 209 35.18 8.57 0.25
CA VAL A 209 34.30 9.04 1.31
C VAL A 209 34.18 8.08 2.51
N THR A 210 34.43 6.77 2.33
CA THR A 210 34.06 5.76 3.33
C THR A 210 35.21 5.10 4.07
N GLY A 211 36.41 5.05 3.47
CA GLY A 211 37.54 4.31 4.06
C GLY A 211 37.37 2.80 4.08
N ARG A 212 36.39 2.28 3.34
CA ARG A 212 36.13 0.86 3.19
C ARG A 212 36.94 0.32 2.03
N ARG A 213 37.34 -0.96 2.12
CA ARG A 213 38.02 -1.61 1.01
C ARG A 213 36.99 -2.42 0.22
N ALA A 214 37.14 -2.41 -1.11
CA ALA A 214 36.24 -3.06 -2.04
C ALA A 214 36.94 -4.08 -2.93
N LEU A 215 36.47 -4.26 -4.17
CA LEU A 215 37.18 -5.00 -5.20
C LEU A 215 36.84 -4.33 -6.53
N TYR A 216 37.75 -4.45 -7.52
CA TYR A 216 37.58 -3.65 -8.75
C TYR A 216 38.03 -4.47 -9.97
N CYS A 217 37.04 -5.09 -10.62
CA CYS A 217 37.24 -5.90 -11.81
C CYS A 217 35.91 -6.19 -12.46
N ASN A 218 35.92 -6.32 -13.78
CA ASN A 218 34.70 -6.59 -14.51
C ASN A 218 35.01 -7.26 -15.85
N GLN A 219 34.11 -8.13 -16.26
CA GLN A 219 34.35 -8.98 -17.41
C GLN A 219 34.28 -8.20 -18.72
N VAL A 220 33.82 -6.94 -18.66
CA VAL A 220 33.65 -6.12 -19.86
C VAL A 220 34.89 -5.31 -20.22
N TYR A 221 35.67 -4.87 -19.22
CA TYR A 221 36.74 -3.92 -19.51
C TYR A 221 38.07 -4.45 -19.01
N CYS A 222 38.06 -5.28 -17.98
CA CYS A 222 39.30 -5.82 -17.48
C CYS A 222 39.87 -6.80 -18.47
N GLN A 223 41.09 -6.52 -18.92
CA GLN A 223 41.82 -7.34 -19.89
C GLN A 223 42.84 -8.29 -19.26
N LYS A 224 43.79 -7.78 -18.48
CA LYS A 224 44.73 -8.68 -17.83
C LYS A 224 45.25 -8.04 -16.56
N ILE A 225 45.81 -8.88 -15.68
CA ILE A 225 46.53 -8.37 -14.51
C ILE A 225 47.85 -7.82 -15.01
N GLN A 226 48.20 -6.62 -14.60
CA GLN A 226 49.48 -6.07 -15.02
C GLN A 226 50.59 -7.00 -14.57
N GLY A 227 51.40 -7.40 -15.55
CA GLY A 227 52.59 -8.21 -15.39
C GLY A 227 52.35 -9.71 -15.30
N MET A 228 51.17 -10.19 -15.70
CA MET A 228 50.84 -11.60 -15.63
C MET A 228 50.62 -12.16 -17.02
N THR A 229 50.94 -13.43 -17.17
CA THR A 229 50.74 -14.11 -18.44
C THR A 229 49.26 -14.27 -18.69
N ASP A 230 48.88 -14.23 -19.97
CA ASP A 230 47.46 -14.37 -20.30
C ASP A 230 46.85 -15.54 -19.56
N ALA A 231 47.56 -16.67 -19.47
CA ALA A 231 47.03 -17.85 -18.77
C ALA A 231 46.89 -17.64 -17.25
N GLU A 232 47.88 -17.03 -16.57
CA GLU A 232 47.69 -16.71 -15.16
C GLU A 232 46.53 -15.76 -14.99
N SER A 233 46.62 -14.61 -15.64
CA SER A 233 45.62 -13.59 -15.43
C SER A 233 44.24 -14.17 -15.62
N LYS A 234 44.06 -15.02 -16.63
CA LYS A 234 42.75 -15.62 -16.89
C LYS A 234 42.26 -16.43 -15.67
N SER A 235 43.09 -17.33 -15.13
CA SER A 235 42.61 -18.14 -14.03
C SER A 235 42.17 -17.27 -12.86
N LEU A 236 42.98 -16.25 -12.54
CA LEU A 236 42.77 -15.51 -11.30
C LEU A 236 41.56 -14.60 -11.42
N LEU A 237 41.45 -13.88 -12.54
CA LEU A 237 40.28 -13.06 -12.80
C LEU A 237 39.02 -13.89 -12.94
N GLN A 238 39.10 -15.08 -13.56
CA GLN A 238 37.90 -15.92 -13.62
C GLN A 238 37.50 -16.35 -12.23
N PHE A 239 38.46 -16.63 -11.39
CA PHE A 239 38.09 -17.01 -10.04
C PHE A 239 37.36 -15.87 -9.36
N LEU A 240 37.84 -14.65 -9.54
CA LEU A 240 37.25 -13.54 -8.80
C LEU A 240 35.82 -13.26 -9.25
N TYR A 241 35.57 -13.28 -10.58
CA TYR A 241 34.19 -13.15 -11.07
C TYR A 241 33.29 -14.23 -10.50
N GLU A 242 33.75 -15.48 -10.49
CA GLU A 242 32.91 -16.54 -9.95
C GLU A 242 32.41 -16.12 -8.59
N HIS A 243 33.29 -15.48 -7.82
CA HIS A 243 33.13 -15.14 -6.42
C HIS A 243 32.36 -13.82 -6.19
N ALA A 244 32.64 -12.78 -6.98
CA ALA A 244 31.97 -11.50 -6.77
C ALA A 244 30.56 -11.47 -7.37
N THR A 245 30.21 -12.41 -8.23
CA THR A 245 28.86 -12.49 -8.79
C THR A 245 28.07 -13.64 -8.19
N GLN A 246 28.40 -14.06 -6.97
CA GLN A 246 27.45 -14.90 -6.26
C GLN A 246 26.10 -14.17 -6.20
N PHE A 247 25.02 -14.92 -5.99
CA PHE A 247 23.71 -14.32 -5.81
C PHE A 247 23.59 -13.59 -4.47
N ASP A 248 24.21 -14.11 -3.41
CA ASP A 248 24.07 -13.52 -2.07
C ASP A 248 24.54 -12.05 -2.01
N PHE A 249 25.44 -11.64 -2.89
CA PHE A 249 25.92 -10.27 -2.86
C PHE A 249 25.04 -9.32 -3.68
N THR A 250 24.07 -9.84 -4.42
CA THR A 250 23.33 -9.02 -5.35
C THR A 250 22.05 -8.47 -4.74
N CYS A 251 21.37 -7.67 -5.56
CA CYS A 251 19.99 -7.28 -5.38
C CYS A 251 19.47 -6.88 -6.75
N ARG A 252 18.17 -6.62 -6.82
CA ARG A 252 17.54 -6.39 -8.11
C ARG A 252 16.50 -5.28 -7.97
N VAL A 253 16.67 -4.21 -8.76
CA VAL A 253 15.76 -3.06 -8.78
C VAL A 253 14.68 -3.27 -9.81
N ARG A 254 13.43 -2.96 -9.44
CA ARG A 254 12.32 -2.92 -10.40
C ARG A 254 11.90 -1.48 -10.71
N TRP A 255 11.79 -1.17 -12.01
CA TRP A 255 11.59 0.19 -12.51
C TRP A 255 10.13 0.49 -12.79
N LYS A 256 9.65 1.56 -12.18
CA LYS A 256 8.32 2.10 -12.43
C LYS A 256 8.50 3.54 -12.88
N LYS A 257 7.82 3.92 -13.98
CA LYS A 257 8.07 5.22 -14.61
C LYS A 257 8.25 6.32 -13.58
N ASP A 258 9.16 7.24 -13.90
CA ASP A 258 9.63 8.30 -13.01
C ASP A 258 10.32 7.75 -11.76
N GLN A 259 10.69 6.48 -11.72
CA GLN A 259 11.57 6.08 -10.65
C GLN A 259 12.94 6.67 -10.99
N VAL A 260 13.52 7.41 -10.06
CA VAL A 260 14.79 8.10 -10.24
C VAL A 260 15.77 7.50 -9.25
N LEU A 261 16.95 7.15 -9.75
CA LEU A 261 17.87 6.27 -9.03
C LEU A 261 19.30 6.74 -9.22
N VAL A 262 20.11 6.54 -8.17
CA VAL A 262 21.54 6.82 -8.22
C VAL A 262 22.31 5.61 -7.70
N TRP A 263 23.34 5.19 -8.42
CA TRP A 263 24.20 4.09 -8.00
C TRP A 263 25.65 4.57 -7.89
N ASP A 264 26.38 3.95 -6.98
CA ASP A 264 27.83 4.14 -6.86
C ASP A 264 28.63 3.24 -7.82
N ASN A 265 29.31 3.85 -8.78
CA ASN A 265 30.03 3.18 -9.86
C ASN A 265 31.47 2.82 -9.43
N LEU A 266 31.73 2.62 -8.13
CA LEU A 266 33.06 2.28 -7.62
C LEU A 266 33.09 1.10 -6.64
N CYS A 267 32.05 0.96 -5.82
CA CYS A 267 31.94 -0.16 -4.91
C CYS A 267 30.79 -1.09 -5.27
N THR A 268 30.10 -0.82 -6.39
CA THR A 268 29.03 -1.66 -6.90
C THR A 268 29.23 -1.94 -8.39
N MET A 269 28.75 -3.09 -8.84
CA MET A 269 28.51 -3.39 -10.25
C MET A 269 27.02 -3.43 -10.56
N HIS A 270 26.71 -3.39 -11.84
CA HIS A 270 25.32 -3.43 -12.24
C HIS A 270 25.20 -4.09 -13.62
N ARG A 271 23.97 -4.46 -13.97
CA ARG A 271 23.73 -5.01 -15.31
C ARG A 271 22.25 -5.01 -15.66
N ALA A 272 22.00 -4.97 -16.98
CA ALA A 272 20.68 -4.79 -17.52
C ALA A 272 20.07 -6.13 -17.90
N VAL A 273 18.98 -6.48 -17.23
CA VAL A 273 18.39 -7.78 -17.49
C VAL A 273 17.57 -7.67 -18.79
N PRO A 274 17.89 -8.48 -19.79
CA PRO A 274 17.22 -8.39 -21.07
C PRO A 274 15.90 -9.15 -21.23
N ASP A 275 15.03 -9.16 -20.21
CA ASP A 275 13.75 -9.87 -20.28
C ASP A 275 12.62 -8.92 -20.67
N TYR A 276 12.52 -8.62 -21.97
CA TYR A 276 11.39 -7.83 -22.48
C TYR A 276 11.32 -7.63 -23.99
N ALA A 277 12.17 -8.30 -24.77
CA ALA A 277 12.26 -7.98 -26.19
C ALA A 277 10.86 -7.94 -26.78
N GLY A 278 10.65 -7.03 -27.76
CA GLY A 278 9.33 -6.64 -28.17
C GLY A 278 8.79 -5.41 -27.44
N LYS A 279 9.34 -5.07 -26.26
CA LYS A 279 8.92 -3.91 -25.49
C LYS A 279 9.83 -2.72 -25.71
N PHE A 280 9.33 -1.58 -25.29
CA PHE A 280 10.01 -0.30 -25.39
C PHE A 280 10.46 -0.02 -23.98
N ARG A 281 11.70 0.41 -23.84
CA ARG A 281 12.25 0.64 -22.53
C ARG A 281 13.21 1.80 -22.65
N TYR A 282 12.93 2.84 -21.86
CA TYR A 282 13.59 4.12 -22.02
C TYR A 282 13.90 4.72 -20.66
N LEU A 283 15.18 4.92 -20.41
CA LEU A 283 15.63 5.67 -19.25
C LEU A 283 16.61 6.74 -19.72
N THR A 284 16.79 7.75 -18.88
CA THR A 284 17.84 8.74 -19.05
C THR A 284 18.76 8.68 -17.85
N ARG A 285 19.97 9.21 -18.06
CA ARG A 285 21.03 9.06 -17.08
C ARG A 285 22.02 10.18 -17.33
N THR A 286 22.44 10.83 -16.25
CA THR A 286 23.57 11.75 -16.32
C THR A 286 24.83 10.94 -16.05
N THR A 287 25.72 11.39 -15.16
CA THR A 287 26.95 10.65 -14.85
C THR A 287 27.90 11.54 -14.09
N VAL A 288 27.70 11.72 -12.79
CA VAL A 288 28.62 12.56 -12.03
C VAL A 288 30.03 12.00 -12.19
N ALA A 289 31.01 12.89 -12.31
CA ALA A 289 32.40 12.53 -12.59
C ALA A 289 33.15 12.18 -11.27
N GLY A 290 34.30 11.52 -11.42
CA GLY A 290 35.00 11.01 -10.26
C GLY A 290 36.50 11.21 -10.34
N ASP A 291 37.16 10.73 -9.30
CA ASP A 291 38.60 10.73 -9.15
C ASP A 291 39.27 9.50 -9.75
N LYS A 292 40.58 9.60 -9.93
CA LYS A 292 41.40 8.41 -10.11
C LYS A 292 41.24 7.53 -8.86
N PRO A 293 40.96 6.21 -9.02
CA PRO A 293 40.76 5.32 -7.86
C PRO A 293 42.06 4.70 -7.37
N SER A 294 42.34 4.80 -6.07
CA SER A 294 43.62 4.43 -5.48
C SER A 294 43.52 3.37 -4.41
N ARG A 295 44.63 2.69 -4.21
CA ARG A 295 44.83 1.71 -3.15
C ARG A 295 45.04 2.46 -1.81
N LYS B 11 7.76 17.97 9.79
CA LYS B 11 7.91 18.51 11.15
C LYS B 11 8.29 17.46 12.22
N TYR B 12 7.33 16.67 12.66
CA TYR B 12 7.58 15.61 13.64
C TYR B 12 8.80 14.81 13.20
N ARG B 13 9.69 14.44 14.13
CA ARG B 13 10.93 13.75 13.76
C ARG B 13 10.99 12.29 14.15
N PHE B 14 10.48 11.93 15.32
CA PHE B 14 10.52 10.54 15.77
C PHE B 14 9.31 9.71 15.37
N ILE B 15 8.31 10.34 14.77
CA ILE B 15 7.09 9.66 14.37
C ILE B 15 6.65 10.20 13.02
N ASP B 16 5.92 9.38 12.29
CA ASP B 16 5.43 9.78 10.98
C ASP B 16 3.92 10.03 11.18
N VAL B 17 3.50 11.29 10.98
CA VAL B 17 2.16 11.78 11.37
C VAL B 17 1.41 12.13 10.09
N GLN B 18 0.30 11.45 9.86
CA GLN B 18 -0.51 11.59 8.65
C GLN B 18 -1.91 12.04 9.04
N PRO B 19 -2.23 13.33 8.92
CA PRO B 19 -3.55 13.80 9.30
C PRO B 19 -4.61 13.23 8.38
N LEU B 20 -5.84 13.28 8.90
CA LEU B 20 -7.03 12.71 8.28
C LEU B 20 -7.94 13.79 7.67
N THR B 21 -8.07 14.92 8.33
CA THR B 21 -8.85 16.01 7.80
C THR B 21 -8.16 17.32 8.17
N GLY B 22 -8.73 18.43 7.74
CA GLY B 22 -8.29 19.75 8.18
C GLY B 22 -8.96 20.26 9.46
N VAL B 23 -9.40 19.36 10.35
CA VAL B 23 -10.20 19.77 11.51
C VAL B 23 -9.72 18.95 12.70
N LEU B 24 -9.69 17.62 12.55
CA LEU B 24 -9.16 16.76 13.60
C LEU B 24 -8.70 15.43 13.07
N GLY B 25 -7.79 14.81 13.78
CA GLY B 25 -7.46 13.42 13.50
C GLY B 25 -6.13 13.17 12.80
N ALA B 26 -5.47 12.08 13.19
CA ALA B 26 -4.27 11.65 12.47
C ALA B 26 -3.93 10.19 12.74
N GLU B 27 -3.53 9.51 11.67
CA GLU B 27 -2.92 8.20 11.80
C GLU B 27 -1.46 8.43 12.07
N ILE B 28 -0.94 7.80 13.13
CA ILE B 28 0.48 7.84 13.46
C ILE B 28 1.08 6.46 13.23
N THR B 29 2.26 6.47 12.61
CA THR B 29 2.93 5.28 12.12
C THR B 29 4.43 5.44 12.31
N GLY B 30 5.14 4.33 12.19
CA GLY B 30 6.58 4.38 12.30
C GLY B 30 7.05 4.48 13.73
N VAL B 31 6.38 3.79 14.66
CA VAL B 31 6.72 3.68 16.07
C VAL B 31 5.96 2.47 16.59
N ASP B 32 6.66 1.57 17.28
CA ASP B 32 6.08 0.30 17.75
C ASP B 32 5.74 0.41 19.21
N LEU B 33 4.45 0.45 19.50
CA LEU B 33 3.96 0.60 20.87
C LEU B 33 4.11 -0.68 21.69
N ARG B 34 4.68 -1.74 21.11
CA ARG B 34 5.05 -2.89 21.92
C ARG B 34 6.30 -2.58 22.73
N GLU B 35 7.06 -1.58 22.33
CA GLU B 35 8.35 -1.33 22.91
C GLU B 35 8.37 -0.02 23.69
N PRO B 36 9.00 -0.02 24.87
CA PRO B 36 9.07 1.22 25.69
C PRO B 36 9.53 2.44 24.90
N LEU B 37 8.80 3.56 25.06
CA LEU B 37 9.05 4.77 24.29
C LEU B 37 10.06 5.64 25.00
N ASP B 38 11.04 6.14 24.25
CA ASP B 38 11.96 7.15 24.73
C ASP B 38 11.28 8.49 24.77
N ASP B 39 11.92 9.45 25.43
CA ASP B 39 11.22 10.69 25.78
C ASP B 39 10.92 11.55 24.56
N SER B 40 11.85 11.63 23.61
CA SER B 40 11.62 12.48 22.43
C SER B 40 10.56 11.90 21.49
N THR B 41 10.46 10.57 21.44
CA THR B 41 9.38 9.94 20.68
C THR B 41 8.02 10.20 21.32
N TRP B 42 7.87 9.83 22.57
CA TRP B 42 6.60 10.02 23.26
C TRP B 42 6.18 11.49 23.31
N ASN B 43 7.14 12.41 23.47
CA ASN B 43 6.83 13.84 23.52
C ASN B 43 6.14 14.30 22.24
N GLU B 44 6.55 13.76 21.10
CA GLU B 44 5.90 14.16 19.86
C GLU B 44 4.52 13.53 19.81
N ILE B 45 4.41 12.29 20.28
CA ILE B 45 3.11 11.63 20.36
C ILE B 45 2.14 12.54 21.09
N LEU B 46 2.57 13.07 22.21
CA LEU B 46 1.72 13.97 22.95
C LEU B 46 1.40 15.21 22.11
N ASP B 47 2.43 15.87 21.54
CA ASP B 47 2.14 17.10 20.76
C ASP B 47 1.10 16.85 19.68
N ALA B 48 1.16 15.70 19.03
CA ALA B 48 0.16 15.36 18.04
C ALA B 48 -1.23 15.27 18.68
N PHE B 49 -1.38 14.38 19.64
CA PHE B 49 -2.64 14.27 20.38
C PHE B 49 -3.20 15.64 20.77
N HIS B 50 -2.36 16.56 21.19
CA HIS B 50 -2.92 17.84 21.62
C HIS B 50 -3.21 18.73 20.44
N THR B 51 -2.64 18.38 19.29
CA THR B 51 -2.81 19.10 18.04
C THR B 51 -3.93 18.50 17.18
N TYR B 52 -4.06 17.17 17.16
CA TYR B 52 -5.00 16.49 16.29
C TYR B 52 -6.16 15.86 17.02
N GLN B 53 -6.20 15.90 18.35
CA GLN B 53 -7.40 15.59 19.16
C GLN B 53 -7.78 14.11 19.19
N VAL B 54 -7.90 13.48 18.03
CA VAL B 54 -7.87 12.02 17.92
C VAL B 54 -6.61 11.63 17.17
N ILE B 55 -6.01 10.52 17.59
CA ILE B 55 -4.83 9.93 16.96
C ILE B 55 -5.00 8.42 16.99
N TYR B 56 -4.61 7.74 15.92
CA TYR B 56 -4.67 6.30 15.93
C TYR B 56 -3.39 5.77 15.33
N PHE B 57 -3.03 4.59 15.79
CA PHE B 57 -1.84 3.87 15.36
C PHE B 57 -2.36 2.56 14.78
N PRO B 58 -2.21 2.33 13.50
CA PRO B 58 -2.67 1.06 12.93
C PRO B 58 -1.70 -0.03 13.30
N GLY B 59 -2.22 -1.23 13.31
CA GLY B 59 -1.30 -2.35 13.38
C GLY B 59 -0.36 -2.42 14.59
N GLN B 60 -0.92 -2.55 15.78
CA GLN B 60 -0.17 -2.63 17.03
C GLN B 60 -0.63 -3.83 17.84
N ALA B 61 0.04 -4.96 17.68
CA ALA B 61 -0.39 -6.17 18.38
C ALA B 61 0.12 -6.12 19.81
N ILE B 62 -0.54 -5.32 20.63
CA ILE B 62 -0.05 -5.08 21.98
C ILE B 62 -0.79 -6.00 22.94
N THR B 63 -0.21 -6.21 24.10
CA THR B 63 -0.81 -7.04 25.11
C THR B 63 -1.55 -6.10 26.03
N ASN B 64 -2.53 -6.64 26.74
CA ASN B 64 -3.31 -5.77 27.61
C ASN B 64 -2.43 -5.07 28.61
N GLU B 65 -1.22 -5.61 28.87
CA GLU B 65 -0.32 -5.00 29.83
C GLU B 65 0.44 -3.84 29.19
N GLN B 66 0.95 -4.05 27.99
CA GLN B 66 1.49 -2.92 27.25
C GLN B 66 0.39 -1.88 27.09
N HIS B 67 -0.84 -2.33 26.85
CA HIS B 67 -1.98 -1.44 26.72
C HIS B 67 -2.13 -0.51 27.90
N ILE B 68 -2.30 -1.08 29.09
CA ILE B 68 -2.52 -0.22 30.25
C ILE B 68 -1.33 0.71 30.38
N ALA B 69 -0.14 0.19 30.06
CA ALA B 69 1.07 0.96 30.20
C ALA B 69 1.02 2.24 29.40
N PHE B 70 0.44 2.16 28.21
CA PHE B 70 0.48 3.30 27.31
C PHE B 70 -0.47 4.40 27.77
N SER B 71 -1.69 4.02 28.22
CA SER B 71 -2.62 5.04 28.74
C SER B 71 -1.99 5.73 29.92
N ARG B 72 -1.21 4.98 30.72
CA ARG B 72 -0.59 5.53 31.91
C ARG B 72 0.27 6.73 31.57
N ARG B 73 0.76 6.86 30.34
CA ARG B 73 1.61 8.00 30.09
C ARG B 73 0.80 9.28 30.10
N PHE B 74 -0.45 9.22 29.67
CA PHE B 74 -1.27 10.43 29.59
C PHE B 74 -1.74 10.84 30.96
N GLY B 75 -2.11 9.84 31.77
CA GLY B 75 -2.65 10.03 33.10
C GLY B 75 -3.13 8.74 33.72
N PRO B 76 -3.43 8.80 35.01
CA PRO B 76 -3.88 7.60 35.71
C PRO B 76 -5.09 6.94 35.09
N VAL B 77 -5.08 5.61 35.13
CA VAL B 77 -6.22 4.83 34.66
C VAL B 77 -7.37 5.04 35.63
N ASP B 78 -8.48 5.63 35.13
CA ASP B 78 -9.67 5.92 35.93
C ASP B 78 -10.92 5.32 35.31
N PRO B 79 -11.15 4.01 35.49
CA PRO B 79 -12.21 3.32 34.72
C PRO B 79 -13.56 4.02 34.77
N VAL B 80 -14.33 3.83 33.71
CA VAL B 80 -15.66 4.45 33.62
C VAL B 80 -16.66 3.56 34.35
N PRO B 81 -17.56 4.13 35.12
CA PRO B 81 -18.66 3.33 35.67
C PRO B 81 -19.60 2.96 34.55
N ILE B 82 -19.86 1.67 34.38
CA ILE B 82 -20.81 1.18 33.38
C ILE B 82 -20.16 -0.06 32.80
N LEU B 83 -18.92 0.09 32.33
CA LEU B 83 -18.32 -0.94 31.49
C LEU B 83 -17.65 -2.03 32.31
N LYS B 84 -17.81 -3.24 31.82
CA LYS B 84 -17.27 -4.42 32.48
C LYS B 84 -15.79 -4.55 32.10
N SER B 85 -15.03 -5.13 33.01
CA SER B 85 -13.60 -5.24 32.81
C SER B 85 -13.27 -6.58 32.15
N ILE B 86 -12.12 -6.65 31.48
CA ILE B 86 -11.66 -7.92 30.98
C ILE B 86 -11.09 -8.71 32.16
N GLU B 87 -11.02 -10.03 31.99
CA GLU B 87 -10.50 -10.91 33.01
C GLU B 87 -9.05 -10.60 33.38
N GLY B 88 -8.83 -10.31 34.65
CA GLY B 88 -7.54 -10.12 35.19
C GLY B 88 -7.09 -8.68 35.24
N TYR B 89 -7.59 -7.85 34.32
CA TYR B 89 -7.16 -6.46 34.21
C TYR B 89 -8.38 -5.60 34.48
N PRO B 90 -8.59 -5.21 35.69
CA PRO B 90 -9.72 -4.33 35.96
C PRO B 90 -9.64 -3.04 35.17
N GLU B 91 -8.43 -2.69 34.75
CA GLU B 91 -8.20 -1.42 34.09
C GLU B 91 -8.62 -1.43 32.63
N VAL B 92 -8.78 -2.62 32.07
CA VAL B 92 -9.08 -2.82 30.66
C VAL B 92 -10.56 -3.15 30.53
N GLN B 93 -11.30 -2.34 29.76
CA GLN B 93 -12.75 -2.47 29.67
C GLN B 93 -13.16 -2.70 28.22
N MET B 94 -14.28 -3.40 28.08
CA MET B 94 -14.76 -3.85 26.79
C MET B 94 -15.74 -2.88 26.11
N ILE B 95 -15.70 -2.90 24.79
CA ILE B 95 -16.74 -2.33 23.94
C ILE B 95 -17.12 -3.43 22.97
N ARG B 96 -17.70 -4.49 23.53
CA ARG B 96 -17.90 -5.73 22.83
C ARG B 96 -19.37 -5.80 22.47
N ARG B 97 -19.65 -6.28 21.26
CA ARG B 97 -21.03 -6.45 20.83
C ARG B 97 -21.13 -7.75 20.06
N GLU B 98 -21.92 -8.67 20.59
CA GLU B 98 -22.05 -10.00 20.02
C GLU B 98 -22.74 -9.91 18.66
N ALA B 99 -22.67 -11.01 17.91
CA ALA B 99 -23.31 -11.01 16.61
C ALA B 99 -24.83 -10.94 16.69
N ASN B 100 -25.43 -11.43 17.75
CA ASN B 100 -26.88 -11.33 17.90
C ASN B 100 -27.20 -9.99 18.56
N GLU B 101 -27.85 -9.12 17.79
CA GLU B 101 -27.86 -7.69 18.05
C GLU B 101 -29.06 -7.18 18.84
N SER B 102 -29.93 -6.41 18.18
CA SER B 102 -31.17 -5.93 18.75
C SER B 102 -31.02 -5.62 20.23
N SER B 103 -30.30 -4.54 20.51
CA SER B 103 -30.19 -3.95 21.84
C SER B 103 -29.47 -2.65 21.64
N ARG B 104 -29.70 -1.68 22.52
CA ARG B 104 -29.18 -0.36 22.22
C ARG B 104 -27.69 -0.48 21.97
N TYR B 105 -27.20 0.29 21.03
CA TYR B 105 -25.76 0.36 20.80
C TYR B 105 -25.17 1.31 21.83
N ILE B 106 -23.93 1.06 22.21
CA ILE B 106 -23.29 1.93 23.16
C ILE B 106 -22.72 3.09 22.38
N GLY B 107 -23.06 4.30 22.80
CA GLY B 107 -22.53 5.46 22.13
C GLY B 107 -23.26 5.83 20.86
N ASP B 108 -24.53 5.44 20.76
CA ASP B 108 -25.36 5.64 19.57
C ASP B 108 -25.41 7.09 19.10
N ASP B 109 -25.08 8.06 19.97
CA ASP B 109 -25.16 9.49 19.65
C ASP B 109 -23.86 10.20 19.96
N TRP B 110 -23.75 11.42 19.47
CA TRP B 110 -22.58 12.24 19.77
C TRP B 110 -22.53 12.54 21.25
N HIS B 111 -21.32 12.49 21.81
CA HIS B 111 -21.15 12.75 23.23
C HIS B 111 -19.68 12.72 23.55
N ALA B 112 -19.36 13.15 24.77
CA ALA B 112 -18.12 12.83 25.47
C ALA B 112 -18.42 11.85 26.59
N ASP B 113 -17.44 11.00 26.97
CA ASP B 113 -17.72 9.88 27.85
C ASP B 113 -17.82 10.29 29.31
N SER B 114 -18.94 9.91 29.93
CA SER B 114 -19.23 10.06 31.37
C SER B 114 -18.91 11.46 31.90
N THR B 115 -19.62 12.49 31.42
CA THR B 115 -19.44 13.84 31.98
C THR B 115 -20.31 14.04 33.22
N PHE B 116 -21.18 13.09 33.54
CA PHE B 116 -21.95 13.17 34.78
C PHE B 116 -21.06 13.05 36.03
N LEU B 117 -19.85 12.54 35.91
CA LEU B 117 -18.85 12.69 36.96
C LEU B 117 -18.56 14.16 37.20
N ASP B 118 -18.12 14.48 38.44
CA ASP B 118 -17.68 15.84 38.77
C ASP B 118 -16.35 16.17 38.10
N ALA B 119 -15.49 15.16 37.93
CA ALA B 119 -14.26 15.26 37.13
C ALA B 119 -14.25 14.07 36.18
N PRO B 120 -14.65 14.29 34.92
CA PRO B 120 -14.74 13.20 33.92
C PRO B 120 -13.44 13.01 33.17
N PRO B 121 -13.28 11.85 32.49
CA PRO B 121 -11.99 11.51 31.86
C PRO B 121 -11.46 12.58 30.93
N ALA B 122 -10.12 12.58 30.81
CA ALA B 122 -9.38 13.47 29.91
C ALA B 122 -9.07 12.82 28.57
N ALA B 123 -8.90 11.50 28.55
CA ALA B 123 -8.72 10.74 27.34
C ALA B 123 -9.25 9.35 27.56
N VAL B 124 -9.23 8.57 26.48
CA VAL B 124 -9.40 7.12 26.57
C VAL B 124 -8.75 6.53 25.32
N VAL B 125 -8.09 5.37 25.49
CA VAL B 125 -7.36 4.73 24.40
C VAL B 125 -8.07 3.43 24.13
N MET B 126 -8.39 3.21 22.86
CA MET B 126 -9.11 2.05 22.42
C MET B 126 -8.21 1.19 21.53
N ARG B 127 -8.42 -0.13 21.59
CA ARG B 127 -7.62 -1.04 20.77
C ARG B 127 -8.55 -2.07 20.17
N ALA B 128 -8.58 -2.14 18.85
CA ALA B 128 -9.49 -3.04 18.14
C ALA B 128 -9.00 -4.49 18.13
N ILE B 129 -9.74 -5.37 18.80
CA ILE B 129 -9.46 -6.81 18.84
C ILE B 129 -9.95 -7.50 17.58
N GLU B 130 -11.28 -7.61 17.43
CA GLU B 130 -11.95 -8.17 16.28
C GLU B 130 -12.96 -7.14 15.78
N VAL B 131 -12.77 -6.68 14.55
CA VAL B 131 -13.71 -5.74 13.95
C VAL B 131 -14.20 -6.39 12.66
N PRO B 132 -15.39 -6.02 12.19
CA PRO B 132 -15.87 -6.56 10.93
C PRO B 132 -15.20 -5.91 9.73
N GLU B 133 -15.19 -6.66 8.63
CA GLU B 133 -14.48 -6.24 7.44
C GLU B 133 -14.87 -4.80 7.09
N TYR B 134 -16.17 -4.53 7.01
CA TYR B 134 -16.67 -3.16 6.93
C TYR B 134 -17.77 -2.93 7.95
N GLY B 135 -17.85 -1.70 8.43
CA GLY B 135 -18.88 -1.32 9.36
C GLY B 135 -18.37 -1.12 10.77
N GLY B 136 -19.24 -0.54 11.56
CA GLY B 136 -18.93 -0.19 12.91
C GLY B 136 -17.79 0.77 12.95
N ASP B 137 -17.85 1.79 12.12
CA ASP B 137 -16.91 2.90 12.21
C ASP B 137 -17.18 3.68 13.50
N THR B 138 -16.39 4.71 13.74
CA THR B 138 -16.61 5.61 14.85
C THR B 138 -16.39 7.04 14.38
N GLY B 139 -17.31 7.91 14.78
CA GLY B 139 -17.27 9.30 14.41
C GLY B 139 -16.57 10.05 15.51
N PHE B 140 -16.04 11.20 15.15
CA PHE B 140 -15.32 12.05 16.08
C PHE B 140 -15.56 13.46 15.55
N LEU B 141 -15.81 14.39 16.47
CA LEU B 141 -15.97 15.80 16.08
C LEU B 141 -15.32 16.71 17.10
N SER B 142 -14.95 17.89 16.62
CA SER B 142 -14.08 18.82 17.33
C SER B 142 -14.91 19.89 18.03
N MET B 143 -14.84 19.91 19.36
CA MET B 143 -15.44 21.02 20.09
C MET B 143 -14.51 22.22 20.20
N TYR B 144 -13.26 22.12 19.76
CA TYR B 144 -12.56 23.35 19.44
C TYR B 144 -13.24 24.00 18.25
N SER B 145 -13.61 23.21 17.28
CA SER B 145 -14.17 23.81 16.09
C SER B 145 -15.57 24.29 16.39
N ALA B 146 -16.30 23.54 17.22
CA ALA B 146 -17.65 23.93 17.65
C ALA B 146 -17.68 25.34 18.20
N TRP B 147 -16.84 25.62 19.20
CA TRP B 147 -16.84 26.93 19.84
C TRP B 147 -16.22 27.99 18.94
N GLU B 148 -15.21 27.62 18.15
CA GLU B 148 -14.47 28.62 17.39
C GLU B 148 -15.28 29.16 16.22
N THR B 149 -16.25 28.41 15.70
CA THR B 149 -17.12 28.85 14.62
C THR B 149 -18.31 29.66 15.10
N LEU B 150 -18.40 29.97 16.38
CA LEU B 150 -19.43 30.89 16.86
C LEU B 150 -19.00 32.34 16.70
N SER B 151 -19.98 33.19 16.55
CA SER B 151 -19.73 34.61 16.55
C SER B 151 -19.23 35.02 17.94
N PRO B 152 -18.28 35.95 18.02
CA PRO B 152 -17.90 36.50 19.34
C PRO B 152 -19.09 36.91 20.17
N THR B 153 -20.02 37.64 19.56
CA THR B 153 -21.22 38.07 20.25
C THR B 153 -21.90 36.88 20.90
N MET B 154 -21.92 35.75 20.20
CA MET B 154 -22.50 34.52 20.74
C MET B 154 -21.65 33.94 21.85
N GLN B 155 -20.35 33.83 21.60
CA GLN B 155 -19.43 33.37 22.63
C GLN B 155 -19.58 34.20 23.91
N ALA B 156 -19.65 35.53 23.75
CA ALA B 156 -19.73 36.45 24.89
C ALA B 156 -21.06 36.33 25.61
N THR B 157 -22.08 35.97 24.87
CA THR B 157 -23.39 35.73 25.45
C THR B 157 -23.36 34.45 26.31
N ILE B 158 -22.87 33.33 25.74
CA ILE B 158 -22.91 32.02 26.41
C ILE B 158 -21.65 31.68 27.18
N GLU B 159 -20.60 32.50 27.06
CA GLU B 159 -19.31 32.30 27.76
C GLU B 159 -19.48 31.95 29.22
N GLY B 160 -20.46 32.55 29.90
CA GLY B 160 -20.49 32.45 31.33
C GLY B 160 -21.36 31.37 31.88
N LEU B 161 -22.12 30.71 31.03
CA LEU B 161 -23.15 29.82 31.55
C LEU B 161 -22.57 28.49 31.92
N ASN B 162 -23.24 27.81 32.85
CA ASN B 162 -22.87 26.47 33.27
C ASN B 162 -24.05 25.54 33.01
N VAL B 163 -23.78 24.25 33.00
CA VAL B 163 -24.73 23.24 32.54
C VAL B 163 -24.77 22.12 33.56
N VAL B 164 -25.94 21.52 33.70
CA VAL B 164 -26.21 20.45 34.67
C VAL B 164 -26.20 19.11 33.94
N HIS B 165 -25.22 18.26 34.24
CA HIS B 165 -25.09 16.94 33.64
C HIS B 165 -25.70 15.89 34.55
N SER B 166 -26.08 14.75 33.97
CA SER B 166 -26.59 13.64 34.76
C SER B 166 -26.73 12.39 33.90
N ALA B 167 -26.44 11.25 34.54
CA ALA B 167 -26.46 9.98 33.84
C ALA B 167 -27.84 9.36 33.74
N THR B 168 -28.87 10.03 34.24
CA THR B 168 -30.25 9.56 34.11
C THR B 168 -30.66 9.69 32.66
N LYS B 169 -30.68 8.55 31.97
CA LYS B 169 -30.89 8.44 30.54
C LYS B 169 -30.14 7.21 30.16
N VAL B 170 -28.89 7.10 30.66
CA VAL B 170 -27.97 6.00 30.33
C VAL B 170 -28.00 4.97 31.46
N PHE B 171 -28.21 5.42 32.73
CA PHE B 171 -28.50 4.43 33.79
C PHE B 171 -29.27 4.97 34.98
N GLY B 172 -30.04 6.06 34.88
CA GLY B 172 -30.80 6.64 35.97
C GLY B 172 -32.28 6.39 35.91
N SER B 173 -33.06 7.37 36.38
CA SER B 173 -34.50 7.17 36.56
C SER B 173 -35.20 6.98 35.23
N LEU B 174 -34.82 7.79 34.23
CA LEU B 174 -35.44 7.75 32.92
C LEU B 174 -35.05 6.48 32.16
N TYR B 175 -33.87 5.94 32.47
CA TYR B 175 -33.42 4.70 31.88
C TYR B 175 -34.15 3.51 32.52
N GLN B 176 -34.55 3.64 33.78
CA GLN B 176 -35.36 2.60 34.41
C GLN B 176 -36.81 2.64 33.93
N ALA B 177 -37.36 3.82 33.65
CA ALA B 177 -38.73 3.90 33.12
C ALA B 177 -38.77 3.96 31.59
N THR B 178 -37.94 3.18 30.87
CA THR B 178 -38.03 3.07 29.41
C THR B 178 -38.01 1.58 29.04
N ASN B 179 -37.80 1.30 27.76
CA ASN B 179 -38.36 0.12 27.12
C ASN B 179 -37.36 -1.01 27.04
N TRP B 180 -36.21 -0.75 26.44
CA TRP B 180 -35.18 -1.75 26.21
C TRP B 180 -34.03 -1.41 27.15
N ARG B 181 -32.91 -2.11 26.99
CA ARG B 181 -31.71 -1.78 27.72
C ARG B 181 -30.50 -2.05 26.83
N PHE B 182 -29.35 -1.92 27.47
CA PHE B 182 -28.05 -2.30 26.93
C PHE B 182 -27.86 -3.78 27.24
N SER B 183 -26.99 -4.44 26.49
CA SER B 183 -26.70 -5.82 26.86
C SER B 183 -25.77 -5.82 28.06
N ASN B 184 -25.75 -6.96 28.77
CA ASN B 184 -24.90 -7.07 29.96
C ASN B 184 -23.47 -7.51 29.61
N THR B 185 -23.13 -7.56 28.31
CA THR B 185 -21.79 -7.92 27.86
C THR B 185 -20.75 -6.83 28.07
N SER B 186 -21.16 -5.55 28.14
CA SER B 186 -20.25 -4.48 28.56
C SER B 186 -20.80 -3.52 29.62
N VAL B 187 -22.09 -3.58 30.01
CA VAL B 187 -22.66 -2.71 31.03
C VAL B 187 -22.86 -3.44 32.37
N LYS B 188 -22.44 -2.80 33.46
CA LYS B 188 -22.61 -3.34 34.80
C LYS B 188 -24.00 -2.92 35.25
N VAL B 189 -24.54 -3.64 36.24
CA VAL B 189 -25.74 -3.11 36.87
C VAL B 189 -25.34 -1.89 37.68
N MET B 190 -25.99 -0.77 37.38
CA MET B 190 -25.70 0.45 38.07
C MET B 190 -26.73 0.71 39.16
N ASP B 191 -26.45 1.76 39.91
CA ASP B 191 -27.29 2.14 41.03
C ASP B 191 -28.19 3.23 40.49
N VAL B 192 -29.47 3.17 40.84
CA VAL B 192 -30.42 4.08 40.22
C VAL B 192 -30.18 5.53 40.63
N ASP B 193 -29.82 5.76 41.89
CA ASP B 193 -29.63 7.12 42.41
C ASP B 193 -28.23 7.66 42.14
N ALA B 194 -27.20 6.82 42.21
CA ALA B 194 -25.85 7.31 41.90
C ALA B 194 -25.74 7.72 40.45
N GLY B 195 -26.49 7.07 39.56
CA GLY B 195 -26.50 7.50 38.17
C GLY B 195 -27.24 8.81 37.98
N ASP B 196 -28.45 8.89 38.54
CA ASP B 196 -29.33 10.05 38.48
C ASP B 196 -28.75 11.32 39.12
N ARG B 197 -27.55 11.19 39.69
CA ARG B 197 -26.84 12.28 40.32
C ARG B 197 -26.45 13.39 39.34
N GLU B 198 -26.76 14.63 39.74
CA GLU B 198 -26.39 15.84 39.01
C GLU B 198 -24.92 16.24 39.31
N THR B 199 -24.36 17.04 38.40
CA THR B 199 -23.09 17.71 38.59
C THR B 199 -23.00 18.82 37.57
N VAL B 200 -22.24 19.85 37.87
CA VAL B 200 -22.30 21.08 37.10
C VAL B 200 -20.92 21.35 36.54
N HIS B 201 -20.88 21.56 35.21
CA HIS B 201 -19.74 21.92 34.39
C HIS B 201 -20.05 23.19 33.61
N PRO B 202 -19.02 23.93 33.21
CA PRO B 202 -19.25 25.12 32.39
C PRO B 202 -19.77 24.76 31.01
N LEU B 203 -20.36 25.73 30.34
CA LEU B 203 -20.75 25.51 28.96
C LEU B 203 -19.55 25.60 28.02
N VAL B 204 -18.53 26.37 28.42
CA VAL B 204 -17.34 26.58 27.62
C VAL B 204 -16.16 26.27 28.54
N VAL B 205 -15.35 25.29 28.15
CA VAL B 205 -14.23 24.83 28.97
C VAL B 205 -12.95 25.29 28.29
N THR B 206 -11.91 25.45 29.11
CA THR B 206 -10.57 25.72 28.62
C THR B 206 -9.80 24.41 28.79
N HIS B 207 -9.17 23.97 27.70
CA HIS B 207 -8.37 22.75 27.77
C HIS B 207 -7.25 23.01 28.75
N PRO B 208 -6.97 22.11 29.68
CA PRO B 208 -5.83 22.35 30.57
C PRO B 208 -4.54 22.56 29.83
N VAL B 209 -4.19 21.70 28.86
CA VAL B 209 -2.86 21.79 28.21
C VAL B 209 -2.85 22.83 27.08
N THR B 210 -3.84 22.85 26.22
CA THR B 210 -3.69 23.68 25.04
C THR B 210 -4.07 25.11 25.36
N GLY B 211 -4.91 25.26 26.40
CA GLY B 211 -5.51 26.50 26.81
C GLY B 211 -6.47 27.03 25.80
N ARG B 212 -6.74 26.26 24.75
CA ARG B 212 -7.72 26.64 23.76
C ARG B 212 -9.07 26.24 24.25
N ARG B 213 -10.04 27.06 23.86
CA ARG B 213 -11.39 27.01 24.40
C ARG B 213 -12.27 26.16 23.52
N ALA B 214 -13.09 25.35 24.17
CA ALA B 214 -14.01 24.46 23.51
C ALA B 214 -15.37 24.62 24.13
N LEU B 215 -16.38 24.18 23.41
CA LEU B 215 -17.73 24.08 23.94
C LEU B 215 -17.87 22.74 24.66
N TYR B 216 -18.86 22.65 25.56
CA TYR B 216 -18.96 21.45 26.41
C TYR B 216 -20.43 21.16 26.72
N CYS B 217 -21.02 20.27 25.91
CA CYS B 217 -22.41 19.83 26.09
C CYS B 217 -22.67 18.65 25.18
N ASN B 218 -23.64 17.84 25.58
CA ASN B 218 -23.96 16.69 24.77
C ASN B 218 -25.37 16.25 25.11
N GLN B 219 -26.03 15.61 24.14
CA GLN B 219 -27.40 15.16 24.29
C GLN B 219 -27.53 13.91 25.19
N VAL B 220 -26.43 13.25 25.56
CA VAL B 220 -26.56 12.04 26.36
C VAL B 220 -26.70 12.36 27.84
N TYR B 221 -26.14 13.47 28.31
CA TYR B 221 -26.02 13.72 29.74
C TYR B 221 -26.48 15.13 30.12
N CYS B 222 -26.32 16.10 29.21
CA CYS B 222 -26.71 17.47 29.55
C CYS B 222 -28.21 17.57 29.62
N GLN B 223 -28.72 17.85 30.82
CA GLN B 223 -30.14 18.04 31.00
C GLN B 223 -30.57 19.50 30.91
N LYS B 224 -30.00 20.41 31.67
CA LYS B 224 -30.38 21.79 31.47
C LYS B 224 -29.27 22.75 31.85
N ILE B 225 -29.42 23.99 31.38
CA ILE B 225 -28.61 25.10 31.84
C ILE B 225 -28.99 25.52 33.26
N GLN B 226 -27.99 25.67 34.13
CA GLN B 226 -28.22 26.07 35.50
C GLN B 226 -28.88 27.43 35.52
N GLY B 227 -30.01 27.53 36.24
CA GLY B 227 -30.70 28.80 36.43
C GLY B 227 -31.61 29.21 35.28
N MET B 228 -31.97 28.27 34.43
CA MET B 228 -32.81 28.55 33.29
C MET B 228 -34.09 27.75 33.42
N THR B 229 -35.16 28.28 32.80
CA THR B 229 -36.41 27.55 32.67
C THR B 229 -36.24 26.55 31.55
N ASP B 230 -36.71 25.33 31.76
CA ASP B 230 -36.58 24.25 30.77
C ASP B 230 -36.88 24.79 29.39
N ALA B 231 -37.86 25.68 29.36
CA ALA B 231 -38.34 26.23 28.11
C ALA B 231 -37.21 26.91 27.34
N GLU B 232 -36.40 27.71 28.02
CA GLU B 232 -35.20 28.29 27.41
C GLU B 232 -34.14 27.21 27.18
N SER B 233 -33.80 26.45 28.23
CA SER B 233 -32.67 25.56 28.16
C SER B 233 -32.74 24.72 26.92
N LYS B 234 -33.95 24.19 26.63
CA LYS B 234 -34.11 23.33 25.46
C LYS B 234 -33.84 24.12 24.20
N SER B 235 -34.45 25.31 24.09
CA SER B 235 -34.21 26.12 22.91
C SER B 235 -32.73 26.26 22.67
N LEU B 236 -32.00 26.58 23.73
CA LEU B 236 -30.60 26.94 23.55
C LEU B 236 -29.71 25.72 23.36
N LEU B 237 -29.86 24.66 24.16
CA LEU B 237 -29.06 23.46 23.94
C LEU B 237 -29.37 22.79 22.59
N GLN B 238 -30.65 22.82 22.16
CA GLN B 238 -31.00 22.24 20.87
C GLN B 238 -30.26 22.96 19.76
N PHE B 239 -30.06 24.27 19.92
CA PHE B 239 -29.29 25.02 18.94
C PHE B 239 -27.82 24.58 18.90
N LEU B 240 -27.21 24.36 20.06
CA LEU B 240 -25.81 24.02 20.08
C LEU B 240 -25.61 22.65 19.47
N TYR B 241 -26.42 21.69 19.88
CA TYR B 241 -26.35 20.38 19.27
C TYR B 241 -26.47 20.46 17.75
N GLU B 242 -27.36 21.31 17.26
CA GLU B 242 -27.48 21.51 15.82
C GLU B 242 -26.16 22.00 15.24
N HIS B 243 -25.51 22.91 15.96
CA HIS B 243 -24.36 23.66 15.44
C HIS B 243 -23.10 22.85 15.50
N ALA B 244 -22.93 22.16 16.62
CA ALA B 244 -21.72 21.41 16.93
C ALA B 244 -21.64 20.07 16.21
N THR B 245 -22.76 19.55 15.68
CA THR B 245 -22.74 18.27 14.98
C THR B 245 -22.94 18.39 13.47
N GLN B 246 -22.59 19.54 12.91
CA GLN B 246 -22.44 19.70 11.48
C GLN B 246 -21.46 18.65 10.97
N PHE B 247 -21.57 18.30 9.68
CA PHE B 247 -20.65 17.34 9.05
C PHE B 247 -19.27 17.95 8.93
N ASP B 248 -19.19 19.25 8.59
CA ASP B 248 -17.91 19.94 8.38
C ASP B 248 -16.99 19.84 9.56
N PHE B 249 -17.48 19.46 10.75
CA PHE B 249 -16.63 19.32 11.93
C PHE B 249 -16.12 17.89 12.19
N THR B 250 -16.67 16.86 11.55
CA THR B 250 -16.35 15.51 11.96
C THR B 250 -15.18 14.93 11.18
N CYS B 251 -14.87 13.68 11.54
CA CYS B 251 -14.02 12.75 10.83
C CYS B 251 -14.51 11.34 11.18
N ARG B 252 -13.99 10.35 10.47
CA ARG B 252 -14.54 9.02 10.64
C ARG B 252 -13.42 8.01 10.61
N VAL B 253 -13.25 7.31 11.68
CA VAL B 253 -12.20 6.33 11.82
C VAL B 253 -12.75 5.04 11.33
N ARG B 254 -11.96 4.32 10.56
CA ARG B 254 -12.31 2.97 10.16
C ARG B 254 -11.42 1.99 10.91
N TRP B 255 -12.02 0.95 11.47
CA TRP B 255 -11.32 0.05 12.38
C TRP B 255 -10.74 -1.17 11.67
N LYS B 256 -9.48 -1.48 11.95
CA LYS B 256 -8.88 -2.73 11.51
C LYS B 256 -8.19 -3.38 12.69
N LYS B 257 -8.16 -4.71 12.70
CA LYS B 257 -7.55 -5.42 13.81
C LYS B 257 -6.26 -4.75 14.27
N ASP B 258 -6.05 -4.80 15.58
CA ASP B 258 -4.88 -4.29 16.30
C ASP B 258 -4.68 -2.80 16.08
N GLN B 259 -5.68 -2.10 15.58
CA GLN B 259 -5.61 -0.65 15.51
C GLN B 259 -5.88 -0.04 16.89
N VAL B 260 -5.06 0.92 17.26
CA VAL B 260 -5.14 1.58 18.56
C VAL B 260 -5.36 3.07 18.32
N LEU B 261 -6.19 3.68 19.17
CA LEU B 261 -6.66 5.05 18.98
C LEU B 261 -6.68 5.74 20.33
N VAL B 262 -6.34 7.02 20.33
CA VAL B 262 -6.46 7.85 21.53
C VAL B 262 -7.24 9.11 21.18
N TRP B 263 -8.26 9.41 21.97
CA TRP B 263 -9.06 10.61 21.76
C TRP B 263 -9.10 11.44 23.02
N ASP B 264 -9.08 12.75 22.83
CA ASP B 264 -9.19 13.74 23.89
C ASP B 264 -10.65 13.94 24.25
N ASN B 265 -11.01 13.57 25.49
CA ASN B 265 -12.40 13.48 25.90
C ASN B 265 -12.96 14.79 26.41
N LEU B 266 -12.30 15.92 26.10
CA LEU B 266 -12.79 17.21 26.55
C LEU B 266 -13.16 18.12 25.41
N CYS B 267 -12.40 18.05 24.32
CA CYS B 267 -12.67 18.85 23.14
C CYS B 267 -13.14 17.99 21.96
N THR B 268 -13.32 16.68 22.14
CA THR B 268 -13.88 15.88 21.07
C THR B 268 -15.01 15.01 21.57
N MET B 269 -16.06 15.00 20.79
CA MET B 269 -17.12 14.04 21.01
C MET B 269 -16.97 12.93 19.98
N HIS B 270 -17.63 11.83 20.27
CA HIS B 270 -17.49 10.67 19.42
C HIS B 270 -18.82 9.97 19.38
N ARG B 271 -18.96 9.07 18.41
CA ARG B 271 -20.16 8.26 18.39
C ARG B 271 -19.97 7.02 17.53
N ALA B 272 -20.66 5.96 17.91
CA ALA B 272 -20.54 4.66 17.28
C ALA B 272 -21.62 4.53 16.23
N VAL B 273 -21.27 3.97 15.08
CA VAL B 273 -22.18 3.81 13.94
C VAL B 273 -22.78 2.43 13.94
N PRO B 274 -24.08 2.27 14.10
CA PRO B 274 -24.64 0.93 14.23
C PRO B 274 -24.87 0.22 12.92
N ASP B 275 -23.96 0.35 11.96
CA ASP B 275 -24.14 -0.22 10.63
C ASP B 275 -23.48 -1.59 10.43
N TYR B 276 -23.55 -2.48 11.41
CA TYR B 276 -22.90 -3.78 11.30
C TYR B 276 -23.75 -4.89 11.89
N ALA B 277 -25.05 -4.73 11.92
CA ALA B 277 -25.87 -5.74 12.56
C ALA B 277 -25.60 -7.10 11.97
N GLY B 278 -25.69 -8.13 12.82
CA GLY B 278 -25.35 -9.49 12.50
C GLY B 278 -23.89 -9.86 12.72
N LYS B 279 -22.99 -8.90 12.69
CA LYS B 279 -21.58 -9.18 12.76
C LYS B 279 -21.04 -8.95 14.18
N PHE B 280 -19.82 -9.45 14.41
CA PHE B 280 -19.17 -9.40 15.72
C PHE B 280 -18.16 -8.27 15.73
N ARG B 281 -18.12 -7.55 16.83
CA ARG B 281 -17.24 -6.40 16.98
C ARG B 281 -16.81 -6.25 18.44
N TYR B 282 -15.48 -6.21 18.66
CA TYR B 282 -14.86 -6.21 19.98
C TYR B 282 -13.69 -5.26 20.03
N LEU B 283 -13.75 -4.30 20.92
CA LEU B 283 -12.64 -3.42 21.22
C LEU B 283 -12.41 -3.40 22.73
N THR B 284 -11.23 -2.96 23.10
CA THR B 284 -10.91 -2.77 24.49
C THR B 284 -10.44 -1.35 24.70
N ARG B 285 -10.57 -0.88 25.95
CA ARG B 285 -10.33 0.53 26.25
C ARG B 285 -10.02 0.75 27.71
N THR B 286 -8.91 1.41 27.97
CA THR B 286 -8.67 1.95 29.28
C THR B 286 -9.14 3.39 29.27
N THR B 287 -9.27 3.97 30.46
CA THR B 287 -9.79 5.34 30.57
C THR B 287 -8.87 6.16 31.43
N VAL B 288 -8.38 7.30 30.92
CA VAL B 288 -7.46 8.17 31.68
C VAL B 288 -8.20 9.34 32.35
N ALA B 289 -7.75 9.70 33.56
CA ALA B 289 -8.48 10.63 34.42
C ALA B 289 -8.20 12.08 34.08
N GLY B 290 -9.08 12.95 34.61
CA GLY B 290 -8.97 14.38 34.37
C GLY B 290 -9.35 15.18 35.61
N ASP B 291 -9.13 16.48 35.51
CA ASP B 291 -9.52 17.42 36.54
C ASP B 291 -10.92 17.97 36.26
N LYS B 292 -11.50 18.56 37.32
CA LYS B 292 -12.75 19.29 37.15
C LYS B 292 -12.63 20.22 35.95
N PRO B 293 -13.56 20.15 35.01
CA PRO B 293 -13.49 20.99 33.81
C PRO B 293 -13.70 22.44 34.13
N SER B 294 -12.79 23.26 33.65
CA SER B 294 -12.62 24.61 34.13
C SER B 294 -12.89 25.62 33.03
N ARG B 295 -13.51 26.74 33.40
CA ARG B 295 -13.74 27.86 32.52
C ARG B 295 -12.45 28.67 32.31
N LYS C 11 -7.24 -11.41 -20.26
CA LYS C 11 -6.42 -12.60 -20.03
C LYS C 11 -6.95 -13.43 -18.85
N TYR C 12 -6.50 -13.04 -17.66
CA TYR C 12 -7.01 -13.61 -16.43
C TYR C 12 -8.24 -12.81 -16.02
N ARG C 13 -9.31 -13.51 -15.69
CA ARG C 13 -10.59 -12.87 -15.42
C ARG C 13 -10.96 -12.91 -13.95
N PHE C 14 -10.68 -14.02 -13.26
CA PHE C 14 -11.07 -14.16 -11.88
C PHE C 14 -9.99 -13.77 -10.87
N ILE C 15 -8.76 -13.45 -11.32
CA ILE C 15 -7.64 -13.12 -10.45
C ILE C 15 -6.78 -12.00 -11.04
N ASP C 16 -6.03 -11.32 -10.17
CA ASP C 16 -5.17 -10.23 -10.59
C ASP C 16 -3.72 -10.72 -10.61
N VAL C 17 -3.11 -10.65 -11.77
CA VAL C 17 -1.83 -11.30 -12.06
C VAL C 17 -0.83 -10.21 -12.46
N GLN C 18 0.19 -9.98 -11.64
CA GLN C 18 1.19 -8.96 -11.97
C GLN C 18 2.55 -9.65 -11.99
N PRO C 19 3.06 -10.02 -13.17
CA PRO C 19 4.34 -10.74 -13.24
C PRO C 19 5.51 -9.91 -12.72
N LEU C 20 6.55 -10.64 -12.29
CA LEU C 20 7.72 -10.10 -11.57
C LEU C 20 8.91 -9.87 -12.46
N THR C 21 9.15 -10.79 -13.41
CA THR C 21 10.10 -10.61 -14.49
C THR C 21 9.46 -11.19 -15.76
N GLY C 22 10.13 -11.06 -16.91
CA GLY C 22 9.60 -11.69 -18.10
C GLY C 22 9.85 -13.17 -18.13
N VAL C 23 10.81 -13.64 -17.32
CA VAL C 23 11.23 -15.03 -17.33
C VAL C 23 10.28 -15.90 -16.52
N LEU C 24 10.14 -15.61 -15.23
CA LEU C 24 9.24 -16.34 -14.34
C LEU C 24 8.87 -15.43 -13.17
N GLY C 25 7.87 -15.87 -12.41
CA GLY C 25 7.50 -15.20 -11.16
C GLY C 25 6.20 -14.40 -11.31
N ALA C 26 5.32 -14.41 -10.31
CA ALA C 26 4.14 -13.57 -10.46
C ALA C 26 3.39 -13.37 -9.14
N GLU C 27 2.87 -12.15 -8.95
CA GLU C 27 1.96 -11.84 -7.84
C GLU C 27 0.51 -12.10 -8.23
N ILE C 28 -0.20 -12.85 -7.39
CA ILE C 28 -1.62 -13.07 -7.58
C ILE C 28 -2.39 -12.36 -6.47
N THR C 29 -3.42 -11.63 -6.88
CA THR C 29 -4.22 -10.80 -6.01
C THR C 29 -5.65 -10.87 -6.50
N GLY C 30 -6.57 -10.38 -5.67
CA GLY C 30 -7.96 -10.43 -6.05
C GLY C 30 -8.57 -11.79 -5.82
N VAL C 31 -8.18 -12.45 -4.71
CA VAL C 31 -8.72 -13.76 -4.37
C VAL C 31 -8.50 -14.01 -2.88
N ASP C 32 -9.54 -14.52 -2.23
CA ASP C 32 -9.55 -14.67 -0.79
C ASP C 32 -9.22 -16.12 -0.53
N LEU C 33 -8.03 -16.37 0.00
CA LEU C 33 -7.56 -17.72 0.25
C LEU C 33 -8.02 -18.30 1.59
N ARG C 34 -8.87 -17.61 2.34
CA ARG C 34 -9.47 -18.23 3.50
C ARG C 34 -10.72 -19.05 3.18
N GLU C 35 -11.42 -18.73 2.09
CA GLU C 35 -12.70 -19.35 1.82
C GLU C 35 -12.63 -20.16 0.53
N PRO C 36 -13.22 -21.35 0.51
CA PRO C 36 -13.05 -22.22 -0.66
C PRO C 36 -13.24 -21.49 -1.97
N LEU C 37 -12.32 -21.77 -2.88
CA LEU C 37 -12.27 -21.17 -4.19
C LEU C 37 -13.28 -21.85 -5.11
N ASP C 38 -14.01 -21.04 -5.87
CA ASP C 38 -14.78 -21.66 -6.93
C ASP C 38 -13.80 -22.19 -7.97
N ASP C 39 -14.32 -23.03 -8.84
CA ASP C 39 -13.43 -23.81 -9.69
C ASP C 39 -12.83 -22.95 -10.80
N SER C 40 -13.58 -22.01 -11.37
CA SER C 40 -13.01 -21.19 -12.43
C SER C 40 -11.87 -20.33 -11.90
N THR C 41 -11.99 -19.92 -10.63
CA THR C 41 -10.94 -19.18 -9.96
C THR C 41 -9.71 -20.06 -9.72
N TRP C 42 -9.92 -21.27 -9.20
CA TRP C 42 -8.79 -22.18 -8.98
C TRP C 42 -8.13 -22.63 -10.28
N ASN C 43 -8.90 -22.89 -11.34
CA ASN C 43 -8.26 -23.16 -12.63
C ASN C 43 -7.34 -22.02 -13.08
N GLU C 44 -7.75 -20.77 -12.90
CA GLU C 44 -6.85 -19.68 -13.29
C GLU C 44 -5.66 -19.62 -12.35
N ILE C 45 -5.87 -19.90 -11.05
CA ILE C 45 -4.76 -19.97 -10.11
C ILE C 45 -3.72 -20.96 -10.60
N LEU C 46 -4.13 -22.20 -10.79
CA LEU C 46 -3.24 -23.24 -11.32
C LEU C 46 -2.68 -22.85 -12.67
N ASP C 47 -3.54 -22.44 -13.61
CA ASP C 47 -3.03 -22.04 -14.92
C ASP C 47 -1.87 -21.05 -14.84
N ALA C 48 -1.95 -20.08 -13.93
CA ALA C 48 -0.82 -19.19 -13.68
C ALA C 48 0.34 -19.95 -13.07
N PHE C 49 0.10 -20.64 -11.96
CA PHE C 49 1.14 -21.48 -11.39
C PHE C 49 1.89 -22.27 -12.47
N HIS C 50 1.21 -22.72 -13.50
CA HIS C 50 1.88 -23.53 -14.50
C HIS C 50 2.55 -22.70 -15.57
N THR C 51 2.21 -21.43 -15.66
CA THR C 51 2.80 -20.53 -16.64
C THR C 51 3.92 -19.73 -16.05
N TYR C 52 3.75 -19.27 -14.82
CA TYR C 52 4.68 -18.37 -14.17
C TYR C 52 5.52 -19.08 -13.11
N GLN C 53 5.25 -20.35 -12.82
CA GLN C 53 6.16 -21.23 -12.08
C GLN C 53 6.28 -20.93 -10.60
N VAL C 54 6.51 -19.66 -10.25
CA VAL C 54 6.36 -19.16 -8.89
C VAL C 54 5.22 -18.16 -8.81
N ILE C 55 4.45 -18.25 -7.75
CA ILE C 55 3.32 -17.37 -7.55
C ILE C 55 3.24 -17.06 -6.08
N TYR C 56 2.91 -15.81 -5.75
CA TYR C 56 2.76 -15.40 -4.38
C TYR C 56 1.47 -14.60 -4.25
N PHE C 57 0.86 -14.74 -3.08
CA PHE C 57 -0.36 -14.05 -2.72
C PHE C 57 -0.01 -13.24 -1.50
N PRO C 58 0.10 -11.93 -1.62
CA PRO C 58 0.44 -11.14 -0.45
C PRO C 58 -0.81 -10.96 0.41
N GLY C 59 -0.59 -10.75 1.72
CA GLY C 59 -1.75 -10.38 2.51
C GLY C 59 -2.83 -11.43 2.66
N GLN C 60 -2.44 -12.69 2.89
CA GLN C 60 -3.39 -13.80 3.04
C GLN C 60 -3.22 -14.34 4.47
N ALA C 61 -4.07 -13.80 5.36
CA ALA C 61 -4.09 -14.12 6.78
C ALA C 61 -4.88 -15.40 6.95
N ILE C 62 -4.19 -16.51 6.71
CA ILE C 62 -4.84 -17.81 6.70
C ILE C 62 -4.41 -18.63 7.90
N THR C 63 -5.16 -19.71 8.11
CA THR C 63 -4.99 -20.67 9.17
C THR C 63 -4.26 -21.90 8.67
N ASN C 64 -3.66 -22.62 9.59
CA ASN C 64 -2.98 -23.85 9.19
C ASN C 64 -3.94 -24.80 8.47
N GLU C 65 -5.25 -24.65 8.67
CA GLU C 65 -6.20 -25.57 8.05
C GLU C 65 -6.50 -25.14 6.62
N GLN C 66 -6.79 -23.85 6.41
CA GLN C 66 -6.96 -23.34 5.05
C GLN C 66 -5.70 -23.56 4.24
N HIS C 67 -4.55 -23.41 4.89
CA HIS C 67 -3.26 -23.70 4.28
C HIS C 67 -3.21 -25.10 3.68
N ILE C 68 -3.42 -26.15 4.51
CA ILE C 68 -3.37 -27.54 4.05
C ILE C 68 -4.41 -27.78 2.95
N ALA C 69 -5.61 -27.25 3.13
CA ALA C 69 -6.64 -27.36 2.11
C ALA C 69 -6.22 -26.71 0.82
N PHE C 70 -5.46 -25.62 0.92
CA PHE C 70 -5.03 -24.95 -0.29
C PHE C 70 -3.99 -25.77 -1.04
N SER C 71 -3.05 -26.39 -0.31
CA SER C 71 -2.07 -27.25 -0.97
C SER C 71 -2.72 -28.50 -1.56
N ARG C 72 -3.69 -29.09 -0.86
CA ARG C 72 -4.33 -30.29 -1.37
C ARG C 72 -5.01 -30.09 -2.70
N ARG C 73 -5.23 -28.84 -3.13
CA ARG C 73 -5.74 -28.64 -4.47
C ARG C 73 -4.65 -28.86 -5.52
N PHE C 74 -3.37 -28.66 -5.15
CA PHE C 74 -2.24 -28.99 -6.01
C PHE C 74 -1.95 -30.50 -6.04
N GLY C 75 -2.08 -31.19 -4.91
CA GLY C 75 -1.79 -32.61 -4.83
C GLY C 75 -1.76 -33.09 -3.39
N PRO C 76 -1.77 -34.40 -3.17
CA PRO C 76 -1.76 -34.89 -1.79
C PRO C 76 -0.53 -34.38 -1.07
N VAL C 77 -0.74 -34.01 0.18
CA VAL C 77 0.30 -33.41 0.99
C VAL C 77 1.17 -34.51 1.59
N ASP C 78 2.46 -34.51 1.23
CA ASP C 78 3.43 -35.48 1.74
C ASP C 78 4.61 -34.68 2.30
N PRO C 79 4.67 -34.45 3.61
CA PRO C 79 5.81 -33.72 4.19
C PRO C 79 7.14 -34.33 3.81
N VAL C 80 8.16 -33.48 3.71
CA VAL C 80 9.53 -33.86 3.32
C VAL C 80 10.22 -34.41 4.55
N PRO C 81 11.17 -35.33 4.40
CA PRO C 81 12.02 -35.66 5.55
C PRO C 81 12.72 -34.43 6.09
N ILE C 82 13.70 -34.64 6.98
CA ILE C 82 14.50 -33.56 7.56
C ILE C 82 13.70 -32.61 8.44
N LEU C 83 12.80 -31.83 7.84
CA LEU C 83 12.26 -30.66 8.50
C LEU C 83 11.20 -31.03 9.52
N LYS C 84 11.06 -30.16 10.53
CA LYS C 84 10.19 -30.42 11.65
C LYS C 84 8.77 -29.99 11.36
N SER C 85 7.84 -30.74 11.93
CA SER C 85 6.44 -30.38 11.79
C SER C 85 6.00 -29.52 12.97
N ILE C 86 4.95 -28.74 12.73
CA ILE C 86 4.48 -27.83 13.72
C ILE C 86 3.73 -28.60 14.82
N GLU C 87 3.61 -27.96 15.99
CA GLU C 87 2.80 -28.51 17.06
C GLU C 87 1.36 -28.58 16.58
N GLY C 88 0.80 -29.79 16.56
CA GLY C 88 -0.58 -30.01 16.19
C GLY C 88 -0.84 -30.43 14.75
N TYR C 89 -0.05 -29.97 13.80
CA TYR C 89 -0.26 -30.34 12.41
C TYR C 89 0.99 -31.04 11.89
N PRO C 90 0.93 -32.35 11.63
CA PRO C 90 2.08 -32.99 10.99
C PRO C 90 2.32 -32.55 9.56
N GLU C 91 1.29 -32.03 8.88
CA GLU C 91 1.36 -31.70 7.46
C GLU C 91 2.09 -30.38 7.20
N VAL C 92 2.21 -29.54 8.22
CA VAL C 92 2.85 -28.23 8.13
C VAL C 92 4.25 -28.35 8.71
N GLN C 93 5.24 -27.85 7.99
CA GLN C 93 6.64 -27.98 8.35
C GLN C 93 7.25 -26.62 8.61
N MET C 94 8.24 -26.59 9.50
CA MET C 94 8.89 -25.34 9.86
C MET C 94 10.05 -25.00 8.92
N ILE C 95 10.24 -23.71 8.70
CA ILE C 95 11.49 -23.18 8.17
C ILE C 95 11.82 -22.03 9.11
N ARG C 96 12.24 -22.39 10.32
CA ARG C 96 12.37 -21.47 11.44
C ARG C 96 13.85 -21.23 11.67
N ARG C 97 14.19 -19.98 11.98
CA ARG C 97 15.56 -19.60 12.27
C ARG C 97 15.59 -18.58 13.39
N GLU C 98 16.28 -18.93 14.47
CA GLU C 98 16.40 -18.02 15.60
C GLU C 98 17.35 -16.88 15.27
N ALA C 99 17.26 -15.83 16.07
CA ALA C 99 18.12 -14.68 15.99
C ALA C 99 19.53 -14.94 16.55
N ASN C 100 19.97 -16.19 16.65
CA ASN C 100 21.34 -16.54 16.97
C ASN C 100 21.88 -17.41 15.82
N GLU C 101 22.81 -16.86 15.06
CA GLU C 101 23.17 -17.39 13.74
C GLU C 101 24.37 -18.29 13.84
N SER C 102 24.32 -19.14 14.87
CA SER C 102 25.41 -20.07 15.11
C SER C 102 25.78 -20.80 13.83
N SER C 103 24.84 -21.61 13.30
CA SER C 103 25.06 -22.71 12.37
C SER C 103 24.55 -22.38 10.96
N ARG C 104 24.81 -23.31 10.04
CA ARG C 104 24.57 -23.12 8.61
C ARG C 104 23.09 -22.88 8.30
N TYR C 105 22.84 -22.13 7.22
CA TYR C 105 21.54 -21.81 6.64
C TYR C 105 20.93 -22.97 5.85
N ILE C 106 19.60 -22.96 5.78
CA ILE C 106 18.80 -23.95 5.06
C ILE C 106 18.46 -23.34 3.70
N GLY C 107 18.77 -24.06 2.63
CA GLY C 107 18.59 -23.52 1.30
C GLY C 107 19.74 -22.66 0.84
N ASP C 108 20.95 -22.96 1.29
CA ASP C 108 22.08 -22.06 1.12
C ASP C 108 22.55 -21.91 -0.33
N ASP C 109 22.35 -22.95 -1.16
CA ASP C 109 22.73 -22.99 -2.57
C ASP C 109 21.52 -23.38 -3.40
N TRP C 110 21.60 -23.14 -4.72
CA TRP C 110 20.48 -23.46 -5.60
C TRP C 110 20.19 -24.97 -5.60
N HIS C 111 18.90 -25.31 -5.60
CA HIS C 111 18.43 -26.69 -5.49
C HIS C 111 16.95 -26.72 -5.81
N ALA C 112 16.45 -27.92 -6.05
CA ALA C 112 15.04 -28.24 -5.87
C ALA C 112 14.95 -29.20 -4.71
N ASP C 113 13.74 -29.36 -4.15
CA ASP C 113 13.60 -30.03 -2.85
C ASP C 113 13.66 -31.54 -2.97
N SER C 114 14.58 -32.13 -2.24
CA SER C 114 14.72 -33.57 -2.13
C SER C 114 14.66 -34.25 -3.50
N THR C 115 15.61 -33.91 -4.37
CA THR C 115 15.62 -34.68 -5.62
C THR C 115 16.18 -36.07 -5.39
N PHE C 116 16.74 -36.37 -4.21
CA PHE C 116 17.14 -37.74 -3.94
C PHE C 116 15.95 -38.68 -3.75
N LEU C 117 14.75 -38.17 -3.49
CA LEU C 117 13.59 -39.07 -3.52
C LEU C 117 13.49 -39.73 -4.88
N ASP C 118 12.90 -40.93 -4.88
CA ASP C 118 12.65 -41.57 -6.17
C ASP C 118 11.62 -40.77 -6.94
N ALA C 119 10.63 -40.21 -6.24
CA ALA C 119 9.63 -39.31 -6.79
C ALA C 119 9.58 -38.06 -5.93
N PRO C 120 10.32 -37.03 -6.29
CA PRO C 120 10.43 -35.86 -5.42
C PRO C 120 9.22 -34.95 -5.53
N PRO C 121 9.10 -34.00 -4.60
CA PRO C 121 7.93 -33.12 -4.56
C PRO C 121 7.71 -32.43 -5.91
N ALA C 122 6.44 -32.13 -6.19
CA ALA C 122 6.05 -31.46 -7.42
C ALA C 122 5.95 -29.95 -7.25
N ALA C 123 5.42 -29.50 -6.11
CA ALA C 123 5.38 -28.10 -5.72
C ALA C 123 5.52 -28.01 -4.20
N VAL C 124 5.64 -26.79 -3.71
CA VAL C 124 5.62 -26.58 -2.27
C VAL C 124 5.19 -25.15 -1.98
N VAL C 125 4.38 -25.00 -0.95
CA VAL C 125 3.76 -23.72 -0.65
C VAL C 125 4.28 -23.24 0.69
N MET C 126 4.82 -22.02 0.69
CA MET C 126 5.42 -21.41 1.84
C MET C 126 4.52 -20.26 2.27
N ARG C 127 4.52 -19.99 3.58
CA ARG C 127 3.67 -18.97 4.18
C ARG C 127 4.55 -18.16 5.12
N ALA C 128 4.63 -16.85 4.91
CA ALA C 128 5.47 -16.03 5.78
C ALA C 128 4.78 -15.80 7.11
N ILE C 129 5.37 -16.29 8.19
CA ILE C 129 4.80 -16.04 9.50
C ILE C 129 5.23 -14.67 9.98
N GLU C 130 6.51 -14.54 10.33
CA GLU C 130 7.14 -13.27 10.70
C GLU C 130 8.48 -13.22 9.99
N VAL C 131 8.66 -12.28 9.08
CA VAL C 131 9.88 -12.15 8.29
C VAL C 131 10.49 -10.77 8.58
N PRO C 132 11.81 -10.62 8.38
CA PRO C 132 12.46 -9.33 8.66
C PRO C 132 12.02 -8.23 7.73
N GLU C 133 12.20 -7.00 8.23
CA GLU C 133 11.86 -5.80 7.47
C GLU C 133 12.52 -5.94 6.11
N TYR C 134 13.83 -5.79 6.06
CA TYR C 134 14.59 -6.02 4.84
C TYR C 134 15.49 -7.22 5.07
N GLY C 135 15.65 -8.04 4.04
CA GLY C 135 16.45 -9.24 4.17
C GLY C 135 15.60 -10.50 4.20
N GLY C 136 16.31 -11.62 4.17
CA GLY C 136 15.62 -12.88 4.19
C GLY C 136 14.75 -12.95 2.98
N ASP C 137 15.42 -12.84 1.85
CA ASP C 137 14.77 -13.10 0.57
C ASP C 137 14.89 -14.58 0.25
N THR C 138 14.23 -14.98 -0.85
CA THR C 138 14.32 -16.33 -1.42
C THR C 138 14.46 -16.10 -2.91
N GLY C 139 15.40 -16.84 -3.51
CA GLY C 139 15.69 -16.76 -4.94
C GLY C 139 14.99 -17.88 -5.68
N PHE C 140 14.70 -17.63 -6.97
CA PHE C 140 14.00 -18.59 -7.82
C PHE C 140 14.57 -18.45 -9.23
N LEU C 141 14.74 -19.58 -9.92
CA LEU C 141 15.14 -19.50 -11.31
C LEU C 141 14.45 -20.61 -12.07
N SER C 142 14.35 -20.44 -13.39
CA SER C 142 13.53 -21.29 -14.23
C SER C 142 14.40 -22.25 -15.04
N MET C 143 14.25 -23.54 -14.80
CA MET C 143 14.96 -24.48 -15.65
C MET C 143 14.30 -24.70 -17.00
N TYR C 144 13.13 -24.15 -17.26
CA TYR C 144 12.73 -24.03 -18.66
C TYR C 144 13.70 -23.11 -19.35
N SER C 145 14.02 -22.00 -18.69
CA SER C 145 14.84 -21.00 -19.35
C SER C 145 16.26 -21.49 -19.49
N ALA C 146 16.74 -22.29 -18.52
CA ALA C 146 18.02 -22.97 -18.67
C ALA C 146 18.09 -23.76 -19.98
N TRP C 147 17.14 -24.67 -20.15
CA TRP C 147 17.14 -25.61 -21.26
C TRP C 147 16.79 -24.96 -22.58
N GLU C 148 15.92 -23.97 -22.61
CA GLU C 148 15.55 -23.41 -23.92
C GLU C 148 16.69 -22.58 -24.51
N THR C 149 17.58 -22.06 -23.65
CA THR C 149 18.75 -21.30 -24.11
C THR C 149 19.93 -22.16 -24.50
N LEU C 150 19.82 -23.47 -24.44
CA LEU C 150 20.86 -24.29 -24.98
C LEU C 150 20.68 -24.42 -26.48
N SER C 151 21.80 -24.50 -27.20
CA SER C 151 21.72 -24.67 -28.65
C SER C 151 20.96 -25.95 -28.95
N PRO C 152 20.12 -25.98 -29.98
CA PRO C 152 19.48 -27.24 -30.35
C PRO C 152 20.49 -28.37 -30.35
N THR C 153 21.65 -28.10 -30.94
CA THR C 153 22.75 -29.06 -30.96
C THR C 153 23.10 -29.54 -29.56
N MET C 154 23.23 -28.62 -28.62
CA MET C 154 23.63 -29.03 -27.27
C MET C 154 22.59 -29.96 -26.67
N GLN C 155 21.32 -29.59 -26.80
CA GLN C 155 20.23 -30.31 -26.17
C GLN C 155 20.26 -31.79 -26.52
N ALA C 156 20.43 -32.08 -27.81
CA ALA C 156 20.40 -33.45 -28.31
C ALA C 156 21.58 -34.27 -27.78
N THR C 157 22.67 -33.60 -27.43
CA THR C 157 23.83 -34.25 -26.84
C THR C 157 23.50 -34.79 -25.45
N ILE C 158 22.89 -33.95 -24.61
CA ILE C 158 22.56 -34.34 -23.23
C ILE C 158 21.15 -34.89 -23.04
N GLU C 159 20.26 -34.70 -24.02
CA GLU C 159 18.87 -35.11 -23.99
C GLU C 159 18.66 -36.45 -23.29
N GLY C 160 19.54 -37.40 -23.56
CA GLY C 160 19.31 -38.75 -23.13
C GLY C 160 19.93 -39.10 -21.82
N LEU C 161 20.67 -38.18 -21.21
CA LEU C 161 21.48 -38.55 -20.07
C LEU C 161 20.63 -38.67 -18.83
N ASN C 162 21.11 -39.46 -17.87
CA ASN C 162 20.50 -39.57 -16.56
C ASN C 162 21.53 -39.13 -15.53
N VAL C 163 21.06 -38.80 -14.33
CA VAL C 163 21.88 -38.21 -13.28
C VAL C 163 21.61 -38.95 -11.99
N VAL C 164 22.66 -39.14 -11.20
CA VAL C 164 22.58 -39.98 -10.00
C VAL C 164 22.51 -39.02 -8.82
N HIS C 165 21.32 -38.89 -8.24
CA HIS C 165 21.11 -37.98 -7.13
C HIS C 165 21.28 -38.71 -5.81
N SER C 166 21.61 -37.96 -4.77
CA SER C 166 21.76 -38.54 -3.45
C SER C 166 21.82 -37.42 -2.43
N ALA C 167 21.27 -37.73 -1.24
CA ALA C 167 21.17 -36.77 -0.16
C ALA C 167 22.41 -36.65 0.72
N THR C 168 23.48 -37.43 0.46
CA THR C 168 24.73 -37.25 1.18
C THR C 168 25.33 -35.89 0.84
N LYS C 169 25.78 -35.19 1.89
CA LYS C 169 26.15 -33.79 1.89
C LYS C 169 25.10 -33.06 2.72
N VAL C 170 23.89 -33.62 2.80
CA VAL C 170 22.82 -33.09 3.63
C VAL C 170 22.57 -33.97 4.86
N PHE C 171 22.60 -35.31 4.71
CA PHE C 171 22.53 -36.16 5.89
C PHE C 171 23.12 -37.54 5.68
N GLY C 172 24.10 -37.68 4.79
CA GLY C 172 24.76 -38.94 4.60
C GLY C 172 26.16 -38.94 5.19
N SER C 173 26.99 -39.83 4.66
CA SER C 173 28.32 -40.05 5.21
C SER C 173 29.20 -38.83 5.00
N LEU C 174 29.06 -38.20 3.83
CA LEU C 174 29.84 -37.01 3.53
C LEU C 174 29.39 -35.82 4.38
N TYR C 175 28.13 -35.83 4.84
CA TYR C 175 27.64 -34.75 5.69
C TYR C 175 28.20 -34.84 7.10
N GLN C 176 28.04 -35.99 7.77
CA GLN C 176 28.72 -36.20 9.04
C GLN C 176 30.17 -36.53 8.73
N ALA C 177 30.95 -35.45 8.62
CA ALA C 177 32.39 -35.52 8.34
C ALA C 177 33.08 -34.17 8.51
N THR C 178 32.43 -33.10 8.07
CA THR C 178 33.00 -31.75 7.96
C THR C 178 32.39 -30.84 9.05
N ASN C 179 32.23 -29.57 8.72
CA ASN C 179 31.94 -28.53 9.70
C ASN C 179 30.43 -28.41 9.89
N TRP C 180 30.02 -27.46 10.76
CA TRP C 180 28.68 -27.27 11.36
C TRP C 180 27.68 -28.43 11.19
N ARG C 181 26.49 -28.18 11.72
CA ARG C 181 25.33 -29.03 11.62
C ARG C 181 24.32 -28.00 11.20
N PHE C 182 23.07 -28.39 11.12
CA PHE C 182 22.00 -27.41 11.11
C PHE C 182 21.46 -27.37 12.55
N SER C 183 21.15 -26.18 13.06
CA SER C 183 20.60 -26.15 14.40
C SER C 183 19.20 -26.73 14.32
N ASN C 184 18.84 -27.51 15.34
CA ASN C 184 17.60 -28.29 15.30
C ASN C 184 16.34 -27.46 15.68
N THR C 185 16.36 -26.12 15.56
CA THR C 185 15.12 -25.36 15.69
C THR C 185 14.19 -25.56 14.48
N SER C 186 14.53 -26.45 13.54
CA SER C 186 13.65 -26.83 12.43
C SER C 186 14.12 -28.06 11.64
N VAL C 187 15.35 -28.58 11.89
CA VAL C 187 15.90 -29.79 11.24
C VAL C 187 15.88 -31.01 12.15
N LYS C 188 15.36 -32.13 11.64
CA LYS C 188 15.32 -33.37 12.40
C LYS C 188 16.60 -34.16 12.17
N VAL C 189 16.85 -35.11 13.06
CA VAL C 189 17.92 -36.09 12.89
C VAL C 189 17.50 -37.14 11.86
N MET C 190 18.36 -37.34 10.86
CA MET C 190 18.18 -38.22 9.70
C MET C 190 18.98 -39.52 9.74
N ASP C 191 18.65 -40.39 8.77
CA ASP C 191 19.27 -41.70 8.56
C ASP C 191 20.29 -41.63 7.42
N VAL C 192 21.53 -42.01 7.75
CA VAL C 192 22.65 -41.90 6.84
C VAL C 192 22.50 -42.89 5.68
N ASP C 193 21.89 -44.05 5.92
CA ASP C 193 21.79 -45.05 4.85
C ASP C 193 20.77 -44.61 3.80
N ALA C 194 19.70 -43.89 4.23
CA ALA C 194 18.86 -43.15 3.30
C ALA C 194 19.58 -41.91 2.77
N GLY C 195 20.49 -41.34 3.58
CA GLY C 195 21.27 -40.19 3.12
C GLY C 195 22.21 -40.55 1.98
N ASP C 196 23.06 -41.57 2.19
CA ASP C 196 23.89 -42.03 1.10
C ASP C 196 23.09 -42.70 -0.01
N ARG C 197 21.77 -42.86 0.19
CA ARG C 197 20.93 -43.56 -0.78
C ARG C 197 20.92 -42.84 -2.13
N GLU C 198 21.22 -43.62 -3.19
CA GLU C 198 21.23 -43.16 -4.57
C GLU C 198 19.89 -43.44 -5.28
N THR C 199 19.56 -42.59 -6.26
CA THR C 199 18.39 -42.69 -7.11
C THR C 199 18.63 -41.86 -8.38
N VAL C 200 18.05 -42.32 -9.49
CA VAL C 200 18.43 -41.89 -10.84
C VAL C 200 17.24 -41.27 -11.57
N HIS C 201 17.40 -40.02 -12.04
CA HIS C 201 16.43 -39.26 -12.80
C HIS C 201 17.05 -38.75 -14.08
N PRO C 202 16.25 -38.34 -15.05
CA PRO C 202 16.82 -37.70 -16.23
C PRO C 202 17.52 -36.39 -15.92
N LEU C 203 18.36 -36.02 -16.87
CA LEU C 203 18.98 -34.72 -16.87
C LEU C 203 18.04 -33.70 -17.42
N VAL C 204 17.17 -34.13 -18.33
CA VAL C 204 16.15 -33.28 -18.93
C VAL C 204 14.82 -33.95 -18.73
N VAL C 205 13.96 -33.28 -17.98
CA VAL C 205 12.64 -33.76 -17.62
C VAL C 205 11.61 -32.97 -18.42
N THR C 206 10.53 -33.66 -18.77
CA THR C 206 9.38 -33.05 -19.42
C THR C 206 8.35 -32.83 -18.32
N HIS C 207 7.79 -31.62 -18.26
CA HIS C 207 6.83 -31.33 -17.20
C HIS C 207 5.62 -32.24 -17.39
N PRO C 208 5.10 -32.83 -16.30
CA PRO C 208 3.89 -33.67 -16.46
C PRO C 208 2.74 -32.92 -17.12
N VAL C 209 2.39 -31.76 -16.59
CA VAL C 209 1.20 -31.07 -17.07
C VAL C 209 1.50 -30.25 -18.32
N THR C 210 2.56 -29.47 -18.34
CA THR C 210 2.71 -28.58 -19.48
C THR C 210 3.35 -29.31 -20.64
N GLY C 211 4.07 -30.39 -20.37
CA GLY C 211 4.84 -31.07 -21.38
C GLY C 211 5.99 -30.27 -21.93
N ARG C 212 6.30 -29.13 -21.33
CA ARG C 212 7.50 -28.40 -21.68
C ARG C 212 8.66 -28.99 -20.93
N ARG C 213 9.83 -28.93 -21.54
CA ARG C 213 11.00 -29.59 -21.01
C ARG C 213 11.82 -28.61 -20.20
N ALA C 214 12.37 -29.11 -19.09
CA ALA C 214 13.22 -28.33 -18.22
C ALA C 214 14.51 -29.09 -17.97
N LEU C 215 15.58 -28.36 -17.73
CA LEU C 215 16.79 -29.00 -17.25
C LEU C 215 16.61 -29.38 -15.78
N TYR C 216 17.34 -30.42 -15.35
CA TYR C 216 17.10 -31.02 -14.02
C TYR C 216 18.43 -31.51 -13.42
N CYS C 217 19.04 -30.65 -12.60
CA CYS C 217 20.29 -30.96 -11.93
C CYS C 217 20.58 -29.88 -10.88
N ASN C 218 21.20 -30.26 -9.77
CA ASN C 218 21.49 -29.28 -8.73
C ASN C 218 22.68 -29.71 -7.91
N GLN C 219 23.37 -28.71 -7.35
CA GLN C 219 24.64 -28.93 -6.67
C GLN C 219 24.48 -29.63 -5.33
N VAL C 220 23.28 -29.65 -4.76
CA VAL C 220 23.07 -30.20 -3.44
C VAL C 220 23.00 -31.72 -3.49
N TYR C 221 22.52 -32.24 -4.58
CA TYR C 221 22.05 -33.62 -4.60
C TYR C 221 22.63 -34.41 -5.76
N CYS C 222 22.94 -33.74 -6.85
CA CYS C 222 23.50 -34.46 -7.98
C CYS C 222 24.92 -34.88 -7.66
N GLN C 223 25.12 -36.17 -7.64
CA GLN C 223 26.47 -36.71 -7.51
C GLN C 223 27.14 -36.90 -8.86
N LYS C 224 26.57 -37.69 -9.78
CA LYS C 224 27.22 -37.81 -11.07
C LYS C 224 26.25 -38.18 -12.17
N ILE C 225 26.70 -37.98 -13.41
CA ILE C 225 26.03 -38.48 -14.59
C ILE C 225 26.09 -39.99 -14.62
N GLN C 226 24.97 -40.63 -14.94
CA GLN C 226 24.95 -42.09 -15.04
C GLN C 226 26.00 -42.61 -16.02
N GLY C 227 26.90 -43.45 -15.51
CA GLY C 227 27.74 -44.15 -16.43
C GLY C 227 28.86 -43.35 -17.02
N MET C 228 29.27 -42.29 -16.38
CA MET C 228 30.35 -41.45 -16.86
C MET C 228 31.50 -41.55 -15.88
N THR C 229 32.66 -41.19 -16.36
CA THR C 229 33.81 -41.10 -15.50
C THR C 229 33.61 -39.93 -14.56
N ASP C 230 34.10 -40.04 -13.31
CA ASP C 230 34.05 -38.91 -12.40
C ASP C 230 34.55 -37.65 -13.11
N ALA C 231 35.59 -37.78 -13.91
CA ALA C 231 36.14 -36.61 -14.60
C ALA C 231 35.16 -36.04 -15.61
N GLU C 232 34.56 -36.88 -16.45
CA GLU C 232 33.56 -36.41 -17.41
C GLU C 232 32.39 -35.77 -16.67
N SER C 233 31.76 -36.52 -15.78
CA SER C 233 30.59 -36.01 -15.10
C SER C 233 30.89 -34.67 -14.44
N LYS C 234 32.07 -34.54 -13.80
CA LYS C 234 32.37 -33.29 -13.12
C LYS C 234 32.46 -32.15 -14.11
N SER C 235 33.18 -32.34 -15.21
CA SER C 235 33.30 -31.26 -16.18
C SER C 235 31.92 -30.77 -16.60
N LEU C 236 30.97 -31.71 -16.74
CA LEU C 236 29.70 -31.46 -17.43
C LEU C 236 28.71 -30.79 -16.50
N LEU C 237 28.56 -31.33 -15.30
CA LEU C 237 27.68 -30.69 -14.33
C LEU C 237 28.18 -29.31 -14.02
N GLN C 238 29.50 -29.14 -13.99
CA GLN C 238 30.03 -27.81 -13.70
C GLN C 238 29.49 -26.80 -14.69
N PHE C 239 29.40 -27.19 -15.95
CA PHE C 239 28.95 -26.27 -17.00
C PHE C 239 27.49 -25.94 -16.84
N LEU C 240 26.68 -26.96 -16.59
CA LEU C 240 25.26 -26.75 -16.52
C LEU C 240 24.91 -25.90 -15.33
N TYR C 241 25.51 -26.20 -14.16
CA TYR C 241 25.33 -25.32 -13.01
C TYR C 241 25.78 -23.89 -13.31
N GLU C 242 26.91 -23.70 -13.99
CA GLU C 242 27.25 -22.34 -14.42
C GLU C 242 26.20 -21.76 -15.35
N HIS C 243 25.70 -22.55 -16.27
CA HIS C 243 24.84 -21.99 -17.31
C HIS C 243 23.46 -21.73 -16.78
N ALA C 244 22.98 -22.66 -15.93
CA ALA C 244 21.64 -22.64 -15.40
C ALA C 244 21.44 -21.66 -14.26
N THR C 245 22.52 -21.19 -13.63
CA THR C 245 22.38 -20.22 -12.58
C THR C 245 22.95 -18.86 -12.97
N GLN C 246 22.91 -18.53 -14.25
CA GLN C 246 23.03 -17.14 -14.64
C GLN C 246 22.03 -16.31 -13.84
N PHE C 247 22.35 -15.02 -13.70
CA PHE C 247 21.47 -14.05 -13.03
C PHE C 247 20.22 -13.78 -13.85
N ASP C 248 20.33 -13.73 -15.19
CA ASP C 248 19.21 -13.37 -16.05
C ASP C 248 18.05 -14.33 -15.94
N PHE C 249 18.30 -15.57 -15.48
CA PHE C 249 17.20 -16.53 -15.36
C PHE C 249 16.48 -16.44 -14.01
N THR C 250 17.00 -15.67 -13.07
CA THR C 250 16.47 -15.70 -11.74
C THR C 250 15.40 -14.63 -11.57
N CYS C 251 14.82 -14.63 -10.36
CA CYS C 251 14.00 -13.56 -9.82
C CYS C 251 14.13 -13.69 -8.31
N ARG C 252 13.61 -12.68 -7.58
CA ARG C 252 13.84 -12.54 -6.14
C ARG C 252 12.52 -12.18 -5.46
N VAL C 253 12.00 -13.10 -4.66
CA VAL C 253 10.76 -12.85 -3.94
C VAL C 253 11.12 -12.25 -2.58
N ARG C 254 10.49 -11.15 -2.24
CA ARG C 254 10.69 -10.53 -0.94
C ARG C 254 9.53 -10.80 0.01
N TRP C 255 9.85 -11.26 1.21
CA TRP C 255 8.83 -11.82 2.08
C TRP C 255 8.22 -10.78 3.04
N LYS C 256 6.88 -10.75 3.07
CA LYS C 256 6.10 -9.97 4.01
C LYS C 256 5.05 -10.83 4.68
N LYS C 257 4.71 -10.50 5.93
CA LYS C 257 3.79 -11.32 6.69
C LYS C 257 2.60 -11.76 5.85
N ASP C 258 2.13 -12.98 6.11
CA ASP C 258 0.94 -13.54 5.50
C ASP C 258 1.02 -13.63 3.98
N GLN C 259 2.23 -13.50 3.42
CA GLN C 259 2.46 -13.83 2.01
C GLN C 259 2.58 -15.33 1.88
N VAL C 260 1.86 -15.85 0.90
CA VAL C 260 1.71 -17.27 0.63
C VAL C 260 2.24 -17.55 -0.78
N LEU C 261 3.08 -18.53 -0.92
CA LEU C 261 3.80 -18.67 -2.17
C LEU C 261 3.77 -20.12 -2.60
N VAL C 262 3.69 -20.33 -3.90
CA VAL C 262 3.72 -21.68 -4.45
C VAL C 262 4.75 -21.70 -5.57
N TRP C 263 5.62 -22.71 -5.57
CA TRP C 263 6.59 -22.85 -6.64
C TRP C 263 6.56 -24.26 -7.19
N ASP C 264 6.85 -24.33 -8.49
CA ASP C 264 6.93 -25.59 -9.19
C ASP C 264 8.28 -26.19 -8.83
N ASN C 265 8.29 -27.33 -8.11
CA ASN C 265 9.52 -27.94 -7.62
C ASN C 265 10.16 -28.85 -8.62
N LEU C 266 9.77 -28.72 -9.87
CA LEU C 266 10.22 -29.56 -10.95
C LEU C 266 11.00 -28.78 -11.98
N CYS C 267 10.56 -27.53 -12.26
CA CYS C 267 11.25 -26.67 -13.21
C CYS C 267 11.77 -25.39 -12.60
N THR C 268 11.60 -25.18 -11.32
CA THR C 268 12.25 -24.02 -10.75
C THR C 268 13.23 -24.50 -9.71
N MET C 269 14.39 -23.89 -9.71
CA MET C 269 15.29 -24.08 -8.60
C MET C 269 15.16 -22.86 -7.70
N HIS C 270 15.53 -23.03 -6.44
CA HIS C 270 15.40 -21.94 -5.50
C HIS C 270 16.57 -22.01 -4.55
N ARG C 271 16.80 -20.90 -3.84
CA ARG C 271 17.83 -20.78 -2.81
C ARG C 271 17.46 -19.65 -1.86
N ALA C 272 17.94 -19.74 -0.63
CA ALA C 272 17.61 -18.79 0.42
C ALA C 272 18.85 -17.99 0.79
N VAL C 273 18.65 -16.70 0.94
CA VAL C 273 19.71 -15.70 1.16
C VAL C 273 19.98 -15.53 2.64
N PRO C 274 21.23 -15.60 3.09
CA PRO C 274 21.52 -15.28 4.50
C PRO C 274 21.76 -13.78 4.73
N ASP C 275 21.01 -12.91 4.06
CA ASP C 275 21.25 -11.48 4.19
C ASP C 275 20.48 -10.93 5.35
N TYR C 276 20.20 -11.79 6.34
CA TYR C 276 19.41 -11.40 7.48
C TYR C 276 20.06 -11.90 8.76
N ALA C 277 21.38 -12.02 8.75
CA ALA C 277 22.05 -12.46 9.97
C ALA C 277 21.66 -11.53 11.13
N GLY C 278 21.55 -12.11 12.31
CA GLY C 278 21.05 -11.45 13.52
C GLY C 278 19.55 -11.43 13.75
N LYS C 279 18.76 -11.48 12.68
CA LYS C 279 17.31 -11.26 12.74
C LYS C 279 16.58 -12.60 12.90
N PHE C 280 15.26 -12.52 13.02
CA PHE C 280 14.42 -13.69 13.14
C PHE C 280 13.52 -13.80 11.92
N ARG C 281 13.41 -15.01 11.39
CA ARG C 281 12.67 -15.28 10.16
C ARG C 281 12.02 -16.65 10.31
N TYR C 282 10.71 -16.70 10.17
CA TYR C 282 9.93 -17.91 10.39
C TYR C 282 8.86 -17.95 9.30
N LEU C 283 8.93 -18.98 8.46
CA LEU C 283 7.87 -19.27 7.50
C LEU C 283 7.55 -20.74 7.69
N THR C 284 6.35 -21.15 7.31
CA THR C 284 6.01 -22.57 7.30
C THR C 284 5.66 -23.00 5.88
N ARG C 285 5.66 -24.33 5.67
CA ARG C 285 5.56 -24.85 4.31
C ARG C 285 5.02 -26.27 4.26
N THR C 286 4.00 -26.47 3.43
CA THR C 286 3.55 -27.79 3.03
C THR C 286 4.14 -28.17 1.68
N THR C 287 4.11 -29.48 1.40
CA THR C 287 4.75 -30.06 0.21
C THR C 287 3.81 -30.96 -0.57
N VAL C 288 3.58 -30.63 -1.80
CA VAL C 288 2.75 -31.48 -2.65
C VAL C 288 3.63 -32.47 -3.43
N ALA C 289 3.15 -33.72 -3.55
CA ALA C 289 3.92 -34.81 -4.09
C ALA C 289 3.77 -34.88 -5.58
N GLY C 290 4.71 -35.58 -6.22
CA GLY C 290 4.64 -35.78 -7.64
C GLY C 290 5.12 -37.17 -8.00
N ASP C 291 4.92 -37.51 -9.25
CA ASP C 291 5.39 -38.81 -9.68
C ASP C 291 6.85 -38.68 -10.10
N LYS C 292 7.54 -39.83 -10.18
CA LYS C 292 8.93 -39.85 -10.58
C LYS C 292 9.09 -39.01 -11.84
N PRO C 293 10.14 -38.19 -11.94
CA PRO C 293 10.31 -37.34 -13.13
C PRO C 293 10.66 -38.17 -14.35
N SER C 294 9.97 -37.89 -15.43
CA SER C 294 10.08 -38.65 -16.66
C SER C 294 10.64 -37.73 -17.73
N ARG C 295 11.30 -38.31 -18.70
CA ARG C 295 11.84 -37.51 -19.78
C ARG C 295 10.70 -37.06 -20.72
N LYS D 11 -19.20 -13.24 -3.74
CA LYS D 11 -20.26 -12.57 -4.53
C LYS D 11 -19.75 -12.19 -5.91
N TYR D 12 -18.86 -11.18 -5.93
CA TYR D 12 -18.29 -10.59 -7.15
C TYR D 12 -17.12 -11.40 -7.72
N ARG D 13 -17.07 -11.56 -9.05
CA ARG D 13 -16.04 -12.39 -9.65
C ARG D 13 -15.06 -11.62 -10.53
N PHE D 14 -15.52 -10.74 -11.41
CA PHE D 14 -14.59 -10.10 -12.32
C PHE D 14 -13.97 -8.83 -11.76
N ILE D 15 -14.47 -8.39 -10.60
CA ILE D 15 -13.99 -7.21 -9.90
C ILE D 15 -13.93 -7.49 -8.39
N ASP D 16 -13.10 -6.72 -7.71
CA ASP D 16 -12.87 -6.93 -6.28
C ASP D 16 -13.59 -5.76 -5.61
N VAL D 17 -14.62 -6.07 -4.82
CA VAL D 17 -15.54 -5.06 -4.30
C VAL D 17 -15.37 -5.06 -2.78
N GLN D 18 -14.85 -3.97 -2.25
CA GLN D 18 -14.59 -3.86 -0.81
C GLN D 18 -15.46 -2.74 -0.31
N PRO D 19 -16.58 -3.05 0.33
CA PRO D 19 -17.49 -2.01 0.79
C PRO D 19 -16.87 -1.11 1.84
N LEU D 20 -17.46 0.07 1.93
CA LEU D 20 -16.96 1.19 2.73
C LEU D 20 -17.68 1.39 4.04
N THR D 21 -19.00 1.23 4.07
CA THR D 21 -19.76 1.18 5.30
C THR D 21 -20.85 0.16 5.14
N GLY D 22 -21.66 0.01 6.16
CA GLY D 22 -22.78 -0.87 6.00
C GLY D 22 -23.98 -0.24 5.32
N VAL D 23 -23.85 1.00 4.81
CA VAL D 23 -24.98 1.79 4.33
C VAL D 23 -24.83 2.04 2.84
N LEU D 24 -23.71 2.66 2.46
CA LEU D 24 -23.38 2.94 1.08
C LEU D 24 -21.86 3.07 0.96
N GLY D 25 -21.33 2.82 -0.23
CA GLY D 25 -19.93 3.03 -0.62
C GLY D 25 -19.13 1.74 -0.81
N ALA D 26 -18.31 1.71 -1.87
CA ALA D 26 -17.48 0.56 -2.18
C ALA D 26 -16.26 0.96 -2.98
N GLU D 27 -15.12 0.35 -2.64
CA GLU D 27 -13.90 0.43 -3.42
C GLU D 27 -13.88 -0.71 -4.42
N ILE D 28 -13.57 -0.37 -5.66
CA ILE D 28 -13.47 -1.37 -6.71
C ILE D 28 -12.00 -1.48 -7.13
N THR D 29 -11.52 -2.73 -7.22
CA THR D 29 -10.15 -3.08 -7.57
C THR D 29 -10.23 -4.34 -8.42
N GLY D 30 -9.12 -4.68 -9.09
CA GLY D 30 -9.09 -5.84 -9.97
C GLY D 30 -9.67 -5.59 -11.35
N VAL D 31 -9.49 -4.38 -11.88
CA VAL D 31 -9.85 -4.09 -13.25
C VAL D 31 -9.23 -2.77 -13.63
N ASP D 32 -8.69 -2.69 -14.84
CA ASP D 32 -7.96 -1.54 -15.36
C ASP D 32 -8.92 -0.77 -16.24
N LEU D 33 -9.29 0.42 -15.79
CA LEU D 33 -10.26 1.22 -16.51
C LEU D 33 -9.65 1.95 -17.70
N ARG D 34 -8.37 1.74 -18.00
CA ARG D 34 -7.81 2.24 -19.26
C ARG D 34 -8.19 1.35 -20.43
N GLU D 35 -8.45 0.06 -20.17
CA GLU D 35 -8.72 -0.91 -21.21
C GLU D 35 -10.18 -1.34 -21.18
N PRO D 36 -10.81 -1.41 -22.37
CA PRO D 36 -12.26 -1.63 -22.46
C PRO D 36 -12.79 -2.74 -21.59
N LEU D 37 -14.05 -2.58 -21.20
CA LEU D 37 -14.71 -3.53 -20.33
C LEU D 37 -15.35 -4.62 -21.15
N ASP D 38 -15.07 -5.88 -20.80
CA ASP D 38 -15.92 -6.92 -21.33
C ASP D 38 -17.24 -6.89 -20.59
N ASP D 39 -18.21 -7.63 -21.14
CA ASP D 39 -19.57 -7.53 -20.65
C ASP D 39 -19.71 -8.16 -19.29
N SER D 40 -18.99 -9.26 -19.05
CA SER D 40 -19.06 -9.90 -17.74
C SER D 40 -18.53 -8.96 -16.66
N THR D 41 -17.40 -8.29 -16.94
CA THR D 41 -16.87 -7.33 -15.98
C THR D 41 -17.82 -6.17 -15.79
N TRP D 42 -18.25 -5.55 -16.89
CA TRP D 42 -19.10 -4.36 -16.76
C TRP D 42 -20.42 -4.68 -16.09
N ASN D 43 -21.02 -5.82 -16.39
CA ASN D 43 -22.24 -6.18 -15.70
C ASN D 43 -22.05 -6.14 -14.18
N GLU D 44 -20.88 -6.55 -13.70
CA GLU D 44 -20.63 -6.48 -12.27
C GLU D 44 -20.39 -5.05 -11.81
N ILE D 45 -19.67 -4.24 -12.59
CA ILE D 45 -19.45 -2.86 -12.18
C ILE D 45 -20.76 -2.13 -11.98
N LEU D 46 -21.63 -2.22 -12.98
CA LEU D 46 -22.90 -1.56 -12.87
C LEU D 46 -23.66 -2.09 -11.69
N ASP D 47 -23.74 -3.42 -11.59
CA ASP D 47 -24.41 -4.02 -10.46
C ASP D 47 -23.84 -3.54 -9.11
N ALA D 48 -22.53 -3.29 -9.04
CA ALA D 48 -21.99 -2.67 -7.83
C ALA D 48 -22.52 -1.24 -7.65
N PHE D 49 -22.37 -0.41 -8.66
CA PHE D 49 -22.92 0.93 -8.57
C PHE D 49 -24.33 0.97 -8.00
N HIS D 50 -25.15 -0.01 -8.34
CA HIS D 50 -26.57 0.05 -7.99
C HIS D 50 -26.88 -0.44 -6.60
N THR D 51 -25.96 -1.17 -5.98
CA THR D 51 -26.06 -1.72 -4.64
C THR D 51 -25.51 -0.79 -3.59
N TYR D 52 -24.38 -0.19 -3.92
CA TYR D 52 -23.60 0.58 -3.00
C TYR D 52 -23.66 2.07 -3.30
N GLN D 53 -24.29 2.46 -4.40
CA GLN D 53 -24.71 3.83 -4.66
C GLN D 53 -23.53 4.74 -5.00
N VAL D 54 -22.51 4.75 -4.19
CA VAL D 54 -21.26 5.39 -4.55
C VAL D 54 -20.25 4.28 -4.70
N ILE D 55 -19.41 4.39 -5.74
CA ILE D 55 -18.33 3.44 -5.96
C ILE D 55 -17.15 4.27 -6.40
N TYR D 56 -15.96 3.85 -6.01
CA TYR D 56 -14.76 4.53 -6.47
C TYR D 56 -13.70 3.48 -6.78
N PHE D 57 -12.84 3.79 -7.72
CA PHE D 57 -11.70 2.94 -8.10
C PHE D 57 -10.41 3.70 -7.80
N PRO D 58 -9.51 3.19 -6.96
CA PRO D 58 -8.22 3.87 -6.75
C PRO D 58 -7.30 3.59 -7.92
N GLY D 59 -6.35 4.50 -8.12
CA GLY D 59 -5.24 4.23 -9.03
C GLY D 59 -5.62 3.98 -10.47
N GLN D 60 -6.24 4.98 -11.09
CA GLN D 60 -6.68 4.91 -12.50
C GLN D 60 -6.20 6.13 -13.30
N ALA D 61 -5.02 5.97 -13.92
CA ALA D 61 -4.34 7.00 -14.74
C ALA D 61 -4.87 6.94 -16.17
N ILE D 62 -6.05 7.51 -16.32
CA ILE D 62 -6.80 7.46 -17.56
C ILE D 62 -6.73 8.83 -18.25
N THR D 63 -7.25 8.86 -19.48
CA THR D 63 -7.30 10.06 -20.28
C THR D 63 -8.69 10.67 -20.26
N ASN D 64 -8.74 11.95 -20.61
CA ASN D 64 -10.04 12.57 -20.68
C ASN D 64 -10.91 11.78 -21.63
N GLU D 65 -10.27 11.03 -22.53
CA GLU D 65 -10.99 10.23 -23.50
C GLU D 65 -11.43 8.88 -22.90
N GLN D 66 -10.54 8.15 -22.23
CA GLN D 66 -11.01 6.95 -21.54
C GLN D 66 -12.04 7.31 -20.48
N HIS D 67 -11.85 8.47 -19.83
CA HIS D 67 -12.88 8.97 -18.91
C HIS D 67 -14.23 9.06 -19.60
N ILE D 68 -14.30 9.85 -20.67
CA ILE D 68 -15.58 10.01 -21.35
C ILE D 68 -16.10 8.66 -21.85
N ALA D 69 -15.21 7.80 -22.34
CA ALA D 69 -15.61 6.48 -22.83
C ALA D 69 -16.29 5.67 -21.75
N PHE D 70 -15.85 5.86 -20.51
CA PHE D 70 -16.35 5.07 -19.40
C PHE D 70 -17.75 5.51 -18.97
N SER D 71 -18.02 6.82 -18.94
CA SER D 71 -19.34 7.25 -18.48
C SER D 71 -20.40 6.86 -19.48
N ARG D 72 -20.11 7.00 -20.79
CA ARG D 72 -21.12 6.68 -21.78
C ARG D 72 -21.64 5.27 -21.54
N ARG D 73 -20.90 4.45 -20.79
CA ARG D 73 -21.38 3.12 -20.46
C ARG D 73 -22.51 3.22 -19.46
N PHE D 74 -22.47 4.24 -18.60
CA PHE D 74 -23.63 4.50 -17.76
C PHE D 74 -24.73 5.17 -18.56
N GLY D 75 -24.36 6.15 -19.38
CA GLY D 75 -25.31 6.93 -20.13
C GLY D 75 -24.71 8.14 -20.85
N PRO D 76 -25.55 8.77 -21.66
CA PRO D 76 -25.10 9.94 -22.41
C PRO D 76 -24.56 11.01 -21.49
N VAL D 77 -23.50 11.69 -21.93
CA VAL D 77 -22.89 12.74 -21.13
C VAL D 77 -23.42 14.09 -21.59
N ASP D 78 -24.13 14.80 -20.68
CA ASP D 78 -24.69 16.13 -20.92
C ASP D 78 -24.12 17.06 -19.85
N PRO D 79 -23.01 17.79 -20.15
CA PRO D 79 -22.39 18.67 -19.12
C PRO D 79 -23.41 19.39 -18.26
N VAL D 80 -23.06 19.64 -17.00
CA VAL D 80 -24.00 20.27 -16.08
C VAL D 80 -23.91 21.75 -16.38
N PRO D 81 -25.02 22.49 -16.34
CA PRO D 81 -24.91 23.93 -16.39
C PRO D 81 -24.06 24.41 -15.23
N ILE D 82 -23.34 25.53 -15.45
CA ILE D 82 -22.48 26.16 -14.46
C ILE D 82 -21.02 25.80 -14.73
N LEU D 83 -20.71 24.53 -14.90
CA LEU D 83 -19.31 24.14 -14.82
C LEU D 83 -18.55 24.44 -16.10
N LYS D 84 -17.35 24.97 -15.92
CA LYS D 84 -16.50 25.30 -17.05
C LYS D 84 -15.85 24.00 -17.50
N SER D 85 -15.75 23.85 -18.82
CA SER D 85 -15.18 22.65 -19.40
C SER D 85 -13.70 22.87 -19.71
N ILE D 86 -12.95 21.77 -19.80
CA ILE D 86 -11.52 21.92 -20.06
C ILE D 86 -11.27 22.07 -21.57
N GLU D 87 -10.14 22.69 -21.90
CA GLU D 87 -9.73 22.86 -23.29
C GLU D 87 -9.69 21.52 -24.01
N GLY D 88 -10.41 21.41 -25.12
CA GLY D 88 -10.31 20.22 -25.93
C GLY D 88 -11.38 19.19 -25.67
N TYR D 89 -11.96 19.18 -24.46
CA TYR D 89 -13.03 18.26 -24.11
C TYR D 89 -14.14 19.03 -23.40
N PRO D 90 -15.19 19.45 -24.12
CA PRO D 90 -16.34 20.10 -23.45
C PRO D 90 -17.16 19.13 -22.60
N GLU D 91 -16.99 17.81 -22.82
CA GLU D 91 -17.72 16.82 -22.05
C GLU D 91 -17.14 16.68 -20.66
N VAL D 92 -15.92 17.16 -20.49
CA VAL D 92 -15.20 17.11 -19.22
C VAL D 92 -15.23 18.50 -18.62
N GLN D 93 -15.67 18.58 -17.36
CA GLN D 93 -15.88 19.80 -16.60
C GLN D 93 -14.96 19.83 -15.38
N MET D 94 -14.58 21.03 -14.98
CA MET D 94 -13.64 21.24 -13.89
C MET D 94 -14.31 21.26 -12.50
N ILE D 95 -13.53 20.86 -11.49
CA ILE D 95 -13.79 21.17 -10.09
C ILE D 95 -12.49 21.70 -9.53
N ARG D 96 -12.12 22.92 -9.92
CA ARG D 96 -10.81 23.49 -9.64
C ARG D 96 -10.92 24.61 -8.60
N ARG D 97 -9.99 24.63 -7.65
CA ARG D 97 -9.94 25.69 -6.64
C ARG D 97 -8.49 26.05 -6.37
N GLU D 98 -8.13 27.29 -6.69
CA GLU D 98 -6.75 27.74 -6.55
C GLU D 98 -6.44 27.99 -5.07
N ALA D 99 -5.15 28.07 -4.75
CA ALA D 99 -4.72 28.29 -3.37
C ALA D 99 -4.96 29.72 -2.87
N ASN D 100 -5.82 30.48 -3.57
CA ASN D 100 -6.12 31.88 -3.30
C ASN D 100 -7.60 31.98 -2.96
N GLU D 101 -8.04 30.98 -2.24
CA GLU D 101 -9.43 30.57 -2.12
C GLU D 101 -10.11 31.11 -0.87
N SER D 102 -11.03 32.05 -1.04
CA SER D 102 -12.02 32.33 -0.01
C SER D 102 -13.44 32.09 -0.49
N SER D 103 -13.81 32.71 -1.61
CA SER D 103 -15.21 32.90 -1.94
C SER D 103 -15.92 31.56 -2.09
N ARG D 104 -17.19 31.53 -1.67
CA ARG D 104 -17.96 30.30 -1.46
C ARG D 104 -17.38 29.07 -2.13
N TYR D 105 -17.28 27.99 -1.36
CA TYR D 105 -16.85 26.71 -1.89
C TYR D 105 -18.01 26.11 -2.70
N ILE D 106 -17.64 25.23 -3.63
CA ILE D 106 -18.59 24.57 -4.51
C ILE D 106 -19.10 23.33 -3.79
N GLY D 107 -20.43 23.25 -3.60
CA GLY D 107 -21.03 22.06 -3.02
C GLY D 107 -20.97 22.04 -1.53
N ASP D 108 -20.97 23.23 -0.93
CA ASP D 108 -20.75 23.47 0.49
C ASP D 108 -21.75 22.76 1.42
N ASP D 109 -22.94 22.37 0.94
CA ASP D 109 -24.02 21.74 1.70
C ASP D 109 -24.47 20.47 0.98
N TRP D 110 -25.36 19.71 1.61
CA TRP D 110 -25.86 18.47 1.02
C TRP D 110 -26.75 18.69 -0.21
N HIS D 111 -26.54 17.91 -1.26
CA HIS D 111 -27.39 18.11 -2.42
C HIS D 111 -27.26 16.99 -3.43
N ALA D 112 -28.21 16.96 -4.36
CA ALA D 112 -28.03 16.26 -5.62
C ALA D 112 -27.81 17.29 -6.72
N ASP D 113 -27.05 16.92 -7.74
CA ASP D 113 -26.47 17.94 -8.60
C ASP D 113 -27.53 18.47 -9.52
N SER D 114 -27.66 19.80 -9.58
CA SER D 114 -28.57 20.46 -10.53
C SER D 114 -29.90 19.71 -10.70
N THR D 115 -30.74 19.65 -9.65
CA THR D 115 -32.07 19.05 -9.76
C THR D 115 -33.13 20.01 -10.28
N PHE D 116 -32.81 21.29 -10.44
CA PHE D 116 -33.75 22.19 -11.06
C PHE D 116 -33.98 21.87 -12.53
N LEU D 117 -33.13 21.07 -13.12
CA LEU D 117 -33.51 20.54 -14.42
C LEU D 117 -34.79 19.72 -14.30
N ASP D 118 -35.52 19.66 -15.41
CA ASP D 118 -36.67 18.78 -15.52
C ASP D 118 -36.23 17.32 -15.52
N ALA D 119 -35.02 17.01 -15.98
CA ALA D 119 -34.43 15.69 -15.76
C ALA D 119 -32.98 15.83 -15.30
N PRO D 120 -32.69 15.68 -14.01
CA PRO D 120 -31.34 15.88 -13.51
C PRO D 120 -30.50 14.66 -13.77
N PRO D 121 -29.18 14.82 -13.74
CA PRO D 121 -28.30 13.70 -14.15
C PRO D 121 -28.59 12.47 -13.33
N ALA D 122 -28.37 11.31 -13.92
CA ALA D 122 -28.58 10.09 -13.13
C ALA D 122 -27.34 9.68 -12.36
N ALA D 123 -26.16 9.96 -12.89
CA ALA D 123 -24.93 9.74 -12.16
C ALA D 123 -23.89 10.75 -12.63
N VAL D 124 -22.73 10.70 -12.02
CA VAL D 124 -21.57 11.46 -12.50
C VAL D 124 -20.30 10.77 -11.99
N VAL D 125 -19.26 10.78 -12.82
CA VAL D 125 -18.00 10.11 -12.50
C VAL D 125 -16.91 11.18 -12.38
N MET D 126 -16.12 11.08 -11.31
CA MET D 126 -15.15 12.09 -10.97
C MET D 126 -13.76 11.50 -10.97
N ARG D 127 -12.77 12.33 -11.29
CA ARG D 127 -11.38 11.86 -11.33
C ARG D 127 -10.52 12.86 -10.61
N ALA D 128 -9.77 12.37 -9.62
CA ALA D 128 -8.88 13.19 -8.81
C ALA D 128 -7.64 13.48 -9.62
N ILE D 129 -7.48 14.73 -10.05
CA ILE D 129 -6.29 15.12 -10.80
C ILE D 129 -5.12 15.37 -9.87
N GLU D 130 -5.22 16.40 -9.05
CA GLU D 130 -4.27 16.62 -7.97
C GLU D 130 -5.05 17.13 -6.76
N VAL D 131 -5.05 16.36 -5.67
CA VAL D 131 -5.79 16.70 -4.45
C VAL D 131 -4.79 16.85 -3.31
N PRO D 132 -5.17 17.55 -2.25
CA PRO D 132 -4.26 17.73 -1.12
C PRO D 132 -4.01 16.43 -0.38
N GLU D 133 -2.87 16.39 0.31
CA GLU D 133 -2.48 15.20 1.07
C GLU D 133 -3.63 14.78 1.99
N TYR D 134 -4.11 15.71 2.79
CA TYR D 134 -5.30 15.54 3.60
C TYR D 134 -6.17 16.80 3.43
N GLY D 135 -7.47 16.63 3.52
CA GLY D 135 -8.38 17.74 3.35
C GLY D 135 -9.20 17.61 2.10
N GLY D 136 -10.29 18.38 2.05
CA GLY D 136 -11.22 18.32 0.94
C GLY D 136 -11.80 16.94 0.64
N ASP D 137 -12.24 16.22 1.67
CA ASP D 137 -12.96 14.97 1.47
C ASP D 137 -14.34 15.31 0.94
N THR D 138 -15.08 14.28 0.52
CA THR D 138 -16.40 14.48 -0.08
C THR D 138 -17.39 13.58 0.65
N GLY D 139 -18.55 14.14 0.95
CA GLY D 139 -19.55 13.42 1.70
C GLY D 139 -20.56 12.80 0.77
N PHE D 140 -21.18 11.74 1.26
CA PHE D 140 -22.20 11.01 0.55
C PHE D 140 -23.17 10.43 1.56
N LEU D 141 -24.47 10.50 1.29
CA LEU D 141 -25.48 9.89 2.15
C LEU D 141 -26.58 9.28 1.31
N SER D 142 -27.22 8.25 1.83
CA SER D 142 -28.14 7.43 1.06
C SER D 142 -29.56 7.84 1.30
N MET D 143 -30.17 8.46 0.30
CA MET D 143 -31.59 8.79 0.37
C MET D 143 -32.50 7.58 0.23
N TYR D 144 -31.98 6.40 -0.10
CA TYR D 144 -32.73 5.19 0.23
C TYR D 144 -32.91 5.10 1.72
N SER D 145 -31.85 5.34 2.46
CA SER D 145 -31.93 5.10 3.90
C SER D 145 -32.74 6.19 4.57
N ALA D 146 -32.64 7.39 4.05
CA ALA D 146 -33.55 8.45 4.46
C ALA D 146 -34.97 7.91 4.40
N TRP D 147 -35.35 7.40 3.24
CA TRP D 147 -36.72 6.97 3.08
C TRP D 147 -36.99 5.74 3.90
N GLU D 148 -36.01 4.84 3.99
CA GLU D 148 -36.26 3.53 4.57
C GLU D 148 -36.47 3.62 6.07
N THR D 149 -35.87 4.61 6.73
CA THR D 149 -36.03 4.81 8.17
C THR D 149 -37.26 5.61 8.58
N LEU D 150 -38.12 6.02 7.65
CA LEU D 150 -39.38 6.65 8.04
C LEU D 150 -40.40 5.60 8.41
N SER D 151 -41.30 5.94 9.30
CA SER D 151 -42.33 4.97 9.65
C SER D 151 -43.22 4.70 8.43
N PRO D 152 -43.69 3.47 8.26
CA PRO D 152 -44.69 3.21 7.23
C PRO D 152 -45.80 4.26 7.23
N THR D 153 -46.33 4.59 8.43
CA THR D 153 -47.35 5.63 8.54
C THR D 153 -46.88 6.92 7.94
N MET D 154 -45.68 7.31 8.31
CA MET D 154 -45.11 8.56 7.85
C MET D 154 -44.96 8.54 6.34
N GLN D 155 -44.49 7.41 5.80
CA GLN D 155 -44.32 7.26 4.37
C GLN D 155 -45.60 7.54 3.62
N ALA D 156 -46.70 6.94 4.07
CA ALA D 156 -47.96 7.04 3.33
C ALA D 156 -48.47 8.46 3.33
N THR D 157 -48.09 9.20 4.36
CA THR D 157 -48.44 10.61 4.51
C THR D 157 -47.73 11.51 3.48
N ILE D 158 -46.41 11.36 3.33
CA ILE D 158 -45.63 12.25 2.47
C ILE D 158 -45.41 11.67 1.07
N GLU D 159 -45.76 10.41 0.85
CA GLU D 159 -45.66 9.62 -0.37
C GLU D 159 -46.13 10.36 -1.59
N GLY D 160 -47.15 11.21 -1.43
CA GLY D 160 -47.87 11.73 -2.56
C GLY D 160 -47.41 13.06 -3.05
N LEU D 161 -46.54 13.70 -2.28
CA LEU D 161 -46.24 15.11 -2.46
C LEU D 161 -45.22 15.27 -3.59
N ASN D 162 -45.26 16.45 -4.19
CA ASN D 162 -44.30 16.90 -5.18
C ASN D 162 -43.61 18.13 -4.60
N VAL D 163 -42.42 18.44 -5.12
CA VAL D 163 -41.60 19.53 -4.58
C VAL D 163 -41.11 20.37 -5.76
N VAL D 164 -40.99 21.66 -5.53
CA VAL D 164 -40.55 22.60 -6.55
C VAL D 164 -39.07 22.90 -6.34
N HIS D 165 -38.24 22.46 -7.26
CA HIS D 165 -36.81 22.74 -7.21
C HIS D 165 -36.53 23.99 -8.04
N SER D 166 -35.39 24.64 -7.78
CA SER D 166 -35.05 25.81 -8.59
C SER D 166 -33.59 26.19 -8.41
N ALA D 167 -32.99 26.69 -9.49
CA ALA D 167 -31.59 27.10 -9.42
C ALA D 167 -31.48 28.48 -8.79
N THR D 168 -32.60 29.06 -8.42
CA THR D 168 -32.55 30.23 -7.59
C THR D 168 -31.99 29.79 -6.26
N LYS D 169 -30.84 30.37 -5.93
CA LYS D 169 -30.02 30.08 -4.75
C LYS D 169 -28.58 29.91 -5.20
N VAL D 170 -28.33 29.27 -6.34
CA VAL D 170 -26.97 29.06 -6.81
C VAL D 170 -26.59 30.05 -7.90
N PHE D 171 -27.52 30.37 -8.82
CA PHE D 171 -27.26 31.37 -9.84
C PHE D 171 -28.54 32.02 -10.35
N GLY D 172 -29.55 32.09 -9.51
CA GLY D 172 -30.81 32.69 -9.86
C GLY D 172 -31.00 34.07 -9.28
N SER D 173 -32.23 34.36 -8.80
CA SER D 173 -32.58 35.72 -8.38
C SER D 173 -31.89 36.15 -7.10
N LEU D 174 -31.90 35.29 -6.08
CA LEU D 174 -31.36 35.67 -4.78
C LEU D 174 -29.83 35.70 -4.74
N TYR D 175 -29.16 34.94 -5.60
CA TYR D 175 -27.69 34.97 -5.63
C TYR D 175 -27.18 36.30 -6.18
N GLN D 176 -27.93 36.89 -7.12
CA GLN D 176 -27.65 38.20 -7.73
C GLN D 176 -27.96 39.36 -6.78
N ALA D 177 -28.20 39.08 -5.50
CA ALA D 177 -28.46 40.14 -4.53
C ALA D 177 -28.28 39.64 -3.09
N THR D 178 -27.15 38.97 -2.82
CA THR D 178 -26.83 38.43 -1.52
C THR D 178 -25.61 39.17 -0.95
N ASN D 179 -24.78 38.46 -0.16
CA ASN D 179 -23.67 39.07 0.56
C ASN D 179 -22.36 38.84 -0.16
N TRP D 180 -22.13 37.61 -0.63
CA TRP D 180 -20.88 37.18 -1.24
C TRP D 180 -21.13 36.50 -2.58
N ARG D 181 -20.07 36.05 -3.25
CA ARG D 181 -20.25 35.37 -4.52
C ARG D 181 -19.31 34.17 -4.65
N PHE D 182 -19.40 33.50 -5.80
CA PHE D 182 -18.53 32.41 -6.26
C PHE D 182 -17.32 32.96 -7.03
N SER D 183 -16.34 32.08 -7.17
CA SER D 183 -15.16 32.28 -7.99
C SER D 183 -15.28 31.51 -9.30
N ASN D 184 -14.87 32.16 -10.40
CA ASN D 184 -15.06 31.64 -11.75
C ASN D 184 -13.97 30.67 -12.22
N THR D 185 -13.19 30.07 -11.30
CA THR D 185 -12.24 29.08 -11.78
C THR D 185 -12.98 27.84 -12.33
N SER D 186 -14.15 27.50 -11.77
CA SER D 186 -15.00 26.48 -12.39
C SER D 186 -16.48 26.88 -12.51
N VAL D 187 -16.90 28.01 -11.95
CA VAL D 187 -18.29 28.46 -12.07
C VAL D 187 -18.38 29.41 -13.24
N LYS D 188 -19.40 29.24 -14.06
CA LYS D 188 -19.67 30.12 -15.20
C LYS D 188 -20.61 31.25 -14.84
N VAL D 189 -20.62 32.26 -15.71
CA VAL D 189 -21.62 33.32 -15.67
C VAL D 189 -22.91 32.73 -16.18
N MET D 190 -23.92 32.67 -15.33
CA MET D 190 -25.18 32.01 -15.65
C MET D 190 -26.26 33.02 -16.01
N ASP D 191 -27.34 32.49 -16.57
CA ASP D 191 -28.46 33.28 -17.11
C ASP D 191 -29.47 33.41 -15.98
N VAL D 192 -29.88 34.64 -15.71
CA VAL D 192 -30.53 34.89 -14.44
C VAL D 192 -31.92 34.24 -14.41
N ASP D 193 -32.70 34.38 -15.48
CA ASP D 193 -34.05 33.80 -15.46
C ASP D 193 -34.01 32.30 -15.68
N ALA D 194 -33.01 31.80 -16.42
CA ALA D 194 -32.85 30.35 -16.55
C ALA D 194 -32.61 29.74 -15.20
N GLY D 195 -31.99 30.51 -14.30
CA GLY D 195 -31.81 30.06 -12.93
C GLY D 195 -33.12 30.02 -12.17
N ASP D 196 -33.87 31.14 -12.19
CA ASP D 196 -35.14 31.27 -11.46
C ASP D 196 -36.21 30.33 -11.99
N ARG D 197 -35.89 29.58 -13.05
CA ARG D 197 -36.83 28.64 -13.65
C ARG D 197 -37.15 27.49 -12.69
N GLU D 198 -38.44 27.29 -12.42
CA GLU D 198 -38.95 26.27 -11.50
C GLU D 198 -39.14 24.93 -12.20
N THR D 199 -39.29 23.89 -11.38
CA THR D 199 -39.59 22.52 -11.83
C THR D 199 -40.14 21.68 -10.69
N VAL D 200 -40.92 20.67 -11.05
CA VAL D 200 -41.63 19.89 -10.05
C VAL D 200 -41.27 18.42 -10.21
N HIS D 201 -40.80 17.84 -9.13
CA HIS D 201 -40.43 16.44 -9.00
C HIS D 201 -41.17 15.83 -7.81
N PRO D 202 -41.29 14.51 -7.78
CA PRO D 202 -41.85 13.88 -6.59
C PRO D 202 -40.89 14.08 -5.44
N LEU D 203 -41.47 13.96 -4.25
CA LEU D 203 -40.68 13.92 -3.04
C LEU D 203 -40.10 12.53 -2.81
N VAL D 204 -40.76 11.50 -3.33
CA VAL D 204 -40.34 10.12 -3.19
C VAL D 204 -40.30 9.55 -4.60
N VAL D 205 -39.13 9.15 -5.04
CA VAL D 205 -38.85 8.67 -6.39
C VAL D 205 -38.64 7.18 -6.37
N THR D 206 -39.02 6.52 -7.45
CA THR D 206 -38.71 5.10 -7.59
C THR D 206 -37.61 5.02 -8.60
N HIS D 207 -36.45 4.57 -8.14
CA HIS D 207 -35.28 4.49 -9.00
C HIS D 207 -35.60 3.62 -10.21
N PRO D 208 -35.22 4.02 -11.42
CA PRO D 208 -35.53 3.17 -12.57
C PRO D 208 -35.02 1.75 -12.44
N VAL D 209 -33.72 1.56 -12.19
CA VAL D 209 -33.14 0.21 -12.29
C VAL D 209 -33.46 -0.59 -11.04
N THR D 210 -33.32 0.02 -9.89
CA THR D 210 -33.37 -0.79 -8.69
C THR D 210 -34.78 -0.98 -8.23
N GLY D 211 -35.68 -0.08 -8.63
CA GLY D 211 -37.05 -0.10 -8.21
C GLY D 211 -37.19 0.14 -6.73
N ARG D 212 -36.09 0.50 -6.06
CA ARG D 212 -36.18 0.91 -4.67
C ARG D 212 -36.55 2.37 -4.66
N ARG D 213 -37.20 2.75 -3.58
CA ARG D 213 -37.71 4.09 -3.41
C ARG D 213 -36.71 4.91 -2.62
N ALA D 214 -36.54 6.15 -3.03
CA ALA D 214 -35.73 7.07 -2.27
C ALA D 214 -36.48 8.38 -2.04
N LEU D 215 -36.14 9.05 -0.96
CA LEU D 215 -36.57 10.41 -0.72
C LEU D 215 -35.75 11.32 -1.62
N TYR D 216 -36.34 12.44 -2.02
CA TYR D 216 -35.73 13.30 -3.05
C TYR D 216 -36.04 14.76 -2.72
N CYS D 217 -35.08 15.41 -2.06
CA CYS D 217 -35.20 16.81 -1.68
C CYS D 217 -33.84 17.25 -1.16
N ASN D 218 -33.56 18.52 -1.32
CA ASN D 218 -32.32 19.04 -0.80
C ASN D 218 -32.48 20.54 -0.61
N GLN D 219 -31.79 21.06 0.41
CA GLN D 219 -31.98 22.43 0.82
C GLN D 219 -31.34 23.43 -0.15
N VAL D 220 -30.53 22.96 -1.09
CA VAL D 220 -29.85 23.87 -2.00
C VAL D 220 -30.79 24.33 -3.07
N TYR D 221 -31.71 23.49 -3.44
CA TYR D 221 -32.53 23.68 -4.61
C TYR D 221 -34.03 23.62 -4.33
N CYS D 222 -34.45 22.90 -3.29
CA CYS D 222 -35.87 22.83 -2.98
C CYS D 222 -36.37 24.12 -2.35
N GLN D 223 -37.34 24.74 -3.02
CA GLN D 223 -38.06 25.92 -2.58
C GLN D 223 -39.24 25.57 -1.68
N LYS D 224 -40.18 24.77 -2.19
CA LYS D 224 -41.31 24.36 -1.37
C LYS D 224 -41.99 23.12 -1.96
N ILE D 225 -42.81 22.51 -1.11
CA ILE D 225 -43.75 21.50 -1.55
C ILE D 225 -44.88 22.12 -2.35
N GLN D 226 -45.15 21.55 -3.52
CA GLN D 226 -46.29 21.97 -4.32
C GLN D 226 -47.55 21.82 -3.51
N GLY D 227 -48.30 22.90 -3.41
CA GLY D 227 -49.57 22.87 -2.74
C GLY D 227 -49.54 23.19 -1.28
N MET D 228 -48.45 23.73 -0.76
CA MET D 228 -48.44 24.07 0.65
C MET D 228 -48.07 25.53 0.81
N THR D 229 -48.58 26.08 1.91
CA THR D 229 -48.23 27.42 2.33
C THR D 229 -46.78 27.47 2.83
N ASP D 230 -46.13 28.61 2.59
CA ASP D 230 -44.75 28.77 3.01
C ASP D 230 -44.54 28.23 4.41
N ALA D 231 -45.52 28.42 5.29
CA ALA D 231 -45.36 27.90 6.65
C ALA D 231 -45.32 26.39 6.65
N GLU D 232 -46.29 25.76 5.99
CA GLU D 232 -46.30 24.31 5.93
C GLU D 232 -45.04 23.81 5.26
N SER D 233 -44.83 24.18 4.01
CA SER D 233 -43.66 23.68 3.30
C SER D 233 -42.39 23.90 4.10
N LYS D 234 -42.24 25.07 4.73
CA LYS D 234 -41.00 25.32 5.47
C LYS D 234 -40.77 24.28 6.57
N SER D 235 -41.80 24.02 7.40
CA SER D 235 -41.62 23.03 8.47
C SER D 235 -41.28 21.64 7.93
N LEU D 236 -41.95 21.19 6.87
CA LEU D 236 -41.88 19.78 6.54
C LEU D 236 -40.52 19.41 6.03
N LEU D 237 -39.97 20.23 5.14
CA LEU D 237 -38.63 19.97 4.63
C LEU D 237 -37.58 20.12 5.73
N GLN D 238 -37.75 21.10 6.62
CA GLN D 238 -36.81 21.22 7.74
C GLN D 238 -36.79 19.93 8.55
N PHE D 239 -37.91 19.25 8.63
CA PHE D 239 -37.87 17.95 9.28
C PHE D 239 -37.16 16.93 8.44
N LEU D 240 -37.44 16.94 7.13
CA LEU D 240 -36.84 15.94 6.25
C LEU D 240 -35.34 16.16 6.10
N TYR D 241 -34.89 17.40 5.93
CA TYR D 241 -33.45 17.65 5.94
C TYR D 241 -32.80 17.15 7.24
N GLU D 242 -33.41 17.41 8.41
CA GLU D 242 -32.86 16.93 9.69
C GLU D 242 -32.73 15.43 9.69
N HIS D 243 -33.73 14.75 9.15
CA HIS D 243 -33.82 13.32 9.28
C HIS D 243 -32.89 12.61 8.33
N ALA D 244 -32.83 13.11 7.11
CA ALA D 244 -32.09 12.46 6.05
C ALA D 244 -30.58 12.69 6.15
N THR D 245 -30.15 13.67 6.93
CA THR D 245 -28.73 13.99 7.09
C THR D 245 -28.20 13.61 8.47
N GLN D 246 -28.82 12.62 9.11
CA GLN D 246 -28.21 11.97 10.25
C GLN D 246 -26.76 11.61 9.89
N PHE D 247 -25.90 11.38 10.89
CA PHE D 247 -24.54 10.88 10.61
C PHE D 247 -24.57 9.44 10.10
N ASP D 248 -25.46 8.60 10.71
CA ASP D 248 -25.55 7.16 10.44
C ASP D 248 -25.88 6.82 8.99
N PHE D 249 -26.36 7.81 8.19
CA PHE D 249 -26.67 7.60 6.77
C PHE D 249 -25.51 7.95 5.84
N THR D 250 -24.50 8.67 6.33
CA THR D 250 -23.43 9.16 5.48
C THR D 250 -22.25 8.20 5.43
N CYS D 251 -21.28 8.57 4.59
CA CYS D 251 -19.94 8.02 4.50
C CYS D 251 -19.03 9.11 3.95
N ARG D 252 -17.73 8.86 3.94
CA ARG D 252 -16.81 9.92 3.60
C ARG D 252 -15.73 9.36 2.72
N VAL D 253 -15.64 9.88 1.51
CA VAL D 253 -14.60 9.50 0.58
C VAL D 253 -13.43 10.44 0.76
N ARG D 254 -12.23 9.87 0.88
CA ARG D 254 -11.01 10.65 0.88
C ARG D 254 -10.31 10.49 -0.46
N TRP D 255 -9.96 11.61 -1.05
CA TRP D 255 -9.50 11.66 -2.41
C TRP D 255 -8.00 11.48 -2.45
N LYS D 256 -7.57 10.62 -3.36
CA LYS D 256 -6.16 10.47 -3.68
C LYS D 256 -6.04 10.46 -5.20
N LYS D 257 -4.91 10.96 -5.71
CA LYS D 257 -4.68 11.13 -7.15
C LYS D 257 -5.13 9.95 -7.99
N ASP D 258 -5.62 10.27 -9.17
CA ASP D 258 -6.02 9.33 -10.22
C ASP D 258 -7.08 8.33 -9.76
N GLN D 259 -7.77 8.63 -8.66
CA GLN D 259 -8.94 7.87 -8.21
C GLN D 259 -10.22 8.33 -8.90
N VAL D 260 -11.02 7.38 -9.35
CA VAL D 260 -12.21 7.65 -10.17
C VAL D 260 -13.44 7.23 -9.39
N LEU D 261 -14.44 8.09 -9.35
CA LEU D 261 -15.57 7.84 -8.51
C LEU D 261 -16.85 8.00 -9.31
N VAL D 262 -17.81 7.15 -9.04
CA VAL D 262 -19.13 7.18 -9.66
C VAL D 262 -20.14 7.23 -8.55
N TRP D 263 -21.04 8.21 -8.59
CA TRP D 263 -22.09 8.27 -7.58
C TRP D 263 -23.45 8.36 -8.25
N ASP D 264 -24.44 7.72 -7.66
CA ASP D 264 -25.80 7.71 -8.17
C ASP D 264 -26.45 9.03 -7.79
N ASN D 265 -26.82 9.86 -8.78
CA ASN D 265 -27.28 11.22 -8.52
C ASN D 265 -28.77 11.33 -8.23
N LEU D 266 -29.48 10.21 -8.13
CA LEU D 266 -30.89 10.20 -7.79
C LEU D 266 -31.15 9.63 -6.40
N CYS D 267 -30.33 8.70 -5.91
CA CYS D 267 -30.54 8.18 -4.57
C CYS D 267 -29.43 8.57 -3.59
N THR D 268 -28.48 9.42 -3.98
CA THR D 268 -27.55 9.89 -2.97
C THR D 268 -27.35 11.40 -3.07
N MET D 269 -27.21 12.03 -1.93
CA MET D 269 -26.75 13.40 -1.93
C MET D 269 -25.28 13.38 -1.55
N HIS D 270 -24.61 14.47 -1.82
CA HIS D 270 -23.18 14.60 -1.56
C HIS D 270 -22.90 16.03 -1.15
N ARG D 271 -21.69 16.24 -0.66
CA ARG D 271 -21.30 17.61 -0.35
C ARG D 271 -19.80 17.72 -0.24
N ALA D 272 -19.31 18.92 -0.48
CA ALA D 272 -17.88 19.18 -0.46
C ALA D 272 -17.51 19.76 0.90
N VAL D 273 -16.46 19.21 1.52
CA VAL D 273 -16.03 19.61 2.86
C VAL D 273 -14.99 20.73 2.72
N PRO D 274 -15.21 21.87 3.28
CA PRO D 274 -14.29 22.98 3.03
C PRO D 274 -13.06 23.09 3.93
N ASP D 275 -12.43 21.95 4.27
CA ASP D 275 -11.25 21.94 5.16
C ASP D 275 -9.93 21.84 4.42
N TYR D 276 -9.71 22.61 3.36
CA TYR D 276 -8.41 22.59 2.70
C TYR D 276 -7.95 23.99 2.34
N ALA D 277 -8.43 24.98 3.10
CA ALA D 277 -8.13 26.37 2.82
C ALA D 277 -6.63 26.57 2.62
N GLY D 278 -6.27 27.42 1.67
CA GLY D 278 -4.87 27.52 1.31
C GLY D 278 -4.35 26.42 0.39
N LYS D 279 -4.98 25.25 0.37
CA LYS D 279 -4.43 24.13 -0.36
C LYS D 279 -5.06 24.09 -1.75
N PHE D 280 -4.43 23.35 -2.66
CA PHE D 280 -4.90 23.27 -4.04
C PHE D 280 -5.60 21.94 -4.34
N ARG D 281 -6.75 22.04 -5.03
CA ARG D 281 -7.59 20.89 -5.31
C ARG D 281 -8.31 21.02 -6.65
N TYR D 282 -8.15 19.98 -7.48
CA TYR D 282 -8.63 19.93 -8.86
C TYR D 282 -9.15 18.52 -9.13
N LEU D 283 -10.41 18.40 -9.54
CA LEU D 283 -10.96 17.13 -10.03
C LEU D 283 -11.69 17.33 -11.36
N THR D 284 -11.86 16.25 -12.12
CA THR D 284 -12.67 16.34 -13.34
C THR D 284 -13.86 15.39 -13.26
N ARG D 285 -14.91 15.71 -14.03
CA ARG D 285 -16.16 14.96 -13.88
C ARG D 285 -17.01 15.12 -15.12
N THR D 286 -17.49 13.98 -15.63
CA THR D 286 -18.56 13.90 -16.61
C THR D 286 -19.87 13.64 -15.91
N THR D 287 -20.98 14.04 -16.54
CA THR D 287 -22.31 13.93 -15.93
C THR D 287 -23.20 13.13 -16.86
N VAL D 288 -23.70 11.99 -16.38
CA VAL D 288 -24.50 11.10 -17.22
C VAL D 288 -25.98 11.43 -17.07
N ALA D 289 -26.69 11.36 -18.18
CA ALA D 289 -28.03 11.93 -18.26
C ALA D 289 -29.04 10.99 -17.63
N GLY D 290 -30.20 11.57 -17.33
CA GLY D 290 -31.27 10.78 -16.75
C GLY D 290 -32.61 11.23 -17.27
N ASP D 291 -33.58 10.46 -16.88
CA ASP D 291 -34.96 10.73 -17.20
C ASP D 291 -35.62 11.61 -16.15
N LYS D 292 -36.75 12.24 -16.54
CA LYS D 292 -37.56 12.92 -15.55
C LYS D 292 -37.72 11.99 -14.36
N PRO D 293 -37.54 12.49 -13.14
CA PRO D 293 -37.62 11.62 -11.97
C PRO D 293 -39.07 11.31 -11.64
N SER D 294 -39.34 10.02 -11.45
CA SER D 294 -40.69 9.50 -11.38
C SER D 294 -41.01 8.92 -10.03
N ARG D 295 -42.28 8.95 -9.68
CA ARG D 295 -42.72 8.33 -8.42
C ARG D 295 -42.74 6.79 -8.53
#